data_9QPV
#
_entry.id   9QPV
#
_cell.length_a   1.00
_cell.length_b   1.00
_cell.length_c   1.00
_cell.angle_alpha   90.00
_cell.angle_beta   90.00
_cell.angle_gamma   90.00
#
_symmetry.space_group_name_H-M   'P 1'
#
_entity_poly.entity_id   1
_entity_poly.type   'polypeptide(L)'
_entity_poly.pdbx_seq_one_letter_code
;MGSSHHHHHHSQDPNSSSMTAQATPRRDSANLAANEASSSDSRSPSGTCPLMNAKVQLLPLRYGLTEGVDPSAELAMPFA
LKSRPLGLRLVRNGYLYVIDGGTGKLHEYRIDKGAIDKLLWQDAEVRADVRSRAVGEPQLVFPRTSVLYVAYSELQWTAR
KCMQVLASPKDREHFMQAVDLRRADPQQGGPHLLTRRQAETWLAEVVQNKVHRDEQGQQRFPPHQQRPASPPAAHPDERR
DYVWEDPPLFRDTQLGELTAQVLPQYEHDALFLALRDDIGVMRDLAAYQDEVVGWLEEWLQGGAQAGANERDYVIACYIE
SLTQIRAAELPKLADESAQPLFDDLDRLPPPERERSRQALLDYLNGEPLPKPMDPAMPEPLHRPVERHFTKRKMAVADPA
FVERNLDALIRLKKSHGEKVDDALHGAKFGQRGIDDLIDRPAMDSFLAANRPNLARWNALLEQISADRTQMLTEQRFHRA
AWYYDFQQAEQLGLAFATQYACLKDICRSDEASEAVLAFLEENPQYDRPLFQTLPLNTQAELIAQYAQLGPPGHLWLSKL
KEWAQQRDSLELGKLPALDGLPEATRALADSAQATLNPALTLGISRTMEGFFKSVGQQQAPDLDALFRKLPKALPGRLLD
AAVREGVTFTIASEAEKAILQADLKEVLEQRAELRRLVRQRKQVKSQAGHKSTDARALLADIQRVRLQLNALEPRLAAAL
SPIAELPDNSIRLAGATPGRAGITLILPSAQLQEVASGIRNLRNGYSSAAAFNKVGDGIGLAVFVAQFVNMVQVWRGVIA
TSPDKRELMPLAGSIFTTISAGVAAAQAIADTALQARSVQLAQGLQNHAVEVAHVQMGKLHLRLGFVGYAAGFFAAAVAT
QTHYGEWLGAIRSGNAQAQQGAALAMVGSSGMLASSAYGVWHTGYALKGVLRAATPAAERTAWALAGTRLSSIFARFNIA
GAIFTALELVGTYWYNRSNTTPHDDWLLSTPWSRDIGGRLNQSLEIYQQRLLGIVQTPRGEVKHASHGSWWRDLLSSSAT
AEISLALPGISLGALQQTLAGRPEVRLSLAAYRIRSVKYERGSPMVRWFPVTEVVGDSLQVASAEPLVLLVPRLAPLEGV
TGGSVTEDLLLAVQIERLNPQGQYHADRHMVRLSPHSEGDYPASPQRIQGQEASWMLIDPRLLPDFADAPER
;
_entity_poly.pdbx_strand_id   A
#
# COMPACT_ATOMS: atom_id res chain seq x y z
N ALA A 54 10.28 -27.95 -46.25
CA ALA A 54 10.97 -26.97 -45.43
C ALA A 54 12.47 -26.94 -45.73
N LYS A 55 13.15 -25.94 -45.18
CA LYS A 55 14.61 -25.83 -45.34
C LYS A 55 15.35 -25.65 -44.02
N VAL A 56 14.66 -25.52 -42.89
CA VAL A 56 15.31 -25.41 -41.59
C VAL A 56 14.38 -25.98 -40.55
N GLN A 57 14.95 -26.45 -39.44
CA GLN A 57 14.22 -26.75 -38.22
C GLN A 57 14.60 -25.77 -37.12
N LEU A 58 13.61 -25.22 -36.44
CA LEU A 58 13.82 -24.48 -35.21
C LEU A 58 13.49 -25.34 -34.00
N LEU A 59 13.95 -24.91 -32.84
CA LEU A 59 13.62 -25.59 -31.60
C LEU A 59 13.10 -24.59 -30.58
N PRO A 60 12.12 -24.99 -29.78
CA PRO A 60 11.55 -24.08 -28.79
C PRO A 60 12.42 -23.99 -27.54
N LEU A 61 13.05 -22.85 -27.36
CA LEU A 61 13.39 -22.38 -26.03
C LEU A 61 12.40 -21.28 -25.63
N ARG A 62 12.43 -20.91 -24.37
CA ARG A 62 11.94 -19.61 -23.93
C ARG A 62 13.09 -18.80 -23.37
N TYR A 63 12.97 -17.48 -23.46
CA TYR A 63 13.64 -16.66 -22.47
C TYR A 63 13.10 -16.97 -21.09
N GLY A 64 13.98 -16.96 -20.10
CA GLY A 64 13.57 -17.21 -18.72
C GLY A 64 14.55 -16.57 -17.76
N LEU A 65 14.16 -16.55 -16.49
CA LEU A 65 15.12 -16.21 -15.45
C LEU A 65 16.17 -17.30 -15.38
N THR A 66 17.43 -16.91 -15.20
CA THR A 66 18.51 -17.87 -15.02
C THR A 66 19.45 -17.38 -13.94
N GLU A 67 19.99 -18.32 -13.17
CA GLU A 67 20.99 -18.02 -12.15
C GLU A 67 22.35 -17.69 -12.77
N GLY A 68 22.41 -16.61 -13.54
CA GLY A 68 23.68 -16.06 -13.99
C GLY A 68 24.14 -16.47 -15.37
N VAL A 69 23.44 -17.41 -16.02
CA VAL A 69 23.87 -17.87 -17.34
C VAL A 69 23.46 -16.82 -18.36
N ASP A 70 24.27 -15.77 -18.50
CA ASP A 70 23.87 -14.54 -19.18
C ASP A 70 24.43 -14.53 -20.60
N PRO A 71 23.60 -14.70 -21.63
CA PRO A 71 24.08 -14.62 -23.01
C PRO A 71 24.28 -13.20 -23.52
N SER A 72 23.93 -12.18 -22.73
CA SER A 72 23.91 -10.80 -23.21
C SER A 72 25.28 -10.30 -23.66
N ALA A 73 26.36 -10.88 -23.14
CA ALA A 73 27.68 -10.56 -23.67
C ALA A 73 27.80 -10.95 -25.14
N GLU A 74 27.15 -12.02 -25.56
CA GLU A 74 27.21 -12.44 -26.95
C GLU A 74 26.02 -11.97 -27.77
N LEU A 75 24.82 -11.94 -27.19
CA LEU A 75 23.62 -11.63 -27.95
C LEU A 75 22.86 -10.45 -27.32
N ALA A 76 22.21 -9.68 -28.19
CA ALA A 76 21.36 -8.57 -27.77
C ALA A 76 20.11 -9.10 -27.08
N MET A 77 19.96 -8.80 -25.80
CA MET A 77 18.75 -9.18 -25.07
C MET A 77 17.59 -8.32 -25.55
N PRO A 78 16.43 -8.90 -25.86
CA PRO A 78 15.30 -8.07 -26.30
C PRO A 78 14.74 -7.19 -25.19
N PHE A 79 14.82 -7.62 -23.93
CA PHE A 79 14.29 -6.79 -22.85
C PHE A 79 15.11 -6.91 -21.55
N ALA A 80 16.38 -7.29 -21.66
CA ALA A 80 17.43 -7.05 -20.66
C ALA A 80 17.01 -7.13 -19.19
N LEU A 81 16.76 -8.33 -18.69
CA LEU A 81 16.33 -8.50 -17.31
C LEU A 81 17.50 -8.24 -16.35
N LYS A 82 17.20 -7.53 -15.26
CA LYS A 82 18.19 -7.12 -14.27
C LYS A 82 18.40 -8.16 -13.19
N SER A 83 17.33 -8.82 -12.74
CA SER A 83 17.36 -9.61 -11.52
C SER A 83 18.00 -10.98 -11.74
N ARG A 84 17.61 -11.64 -12.83
CA ARG A 84 18.24 -12.85 -13.26
C ARG A 84 18.45 -12.65 -14.75
N PRO A 85 19.64 -12.95 -15.28
CA PRO A 85 19.85 -12.86 -16.72
C PRO A 85 18.75 -13.52 -17.52
N LEU A 86 18.36 -12.85 -18.61
CA LEU A 86 17.39 -13.39 -19.55
C LEU A 86 17.98 -14.56 -20.34
N GLY A 87 18.43 -15.58 -19.64
CA GLY A 87 19.01 -16.74 -20.28
C GLY A 87 17.95 -17.58 -20.96
N LEU A 88 18.41 -18.52 -21.76
CA LEU A 88 17.52 -19.46 -22.41
C LEU A 88 17.28 -20.70 -21.55
N ARG A 89 16.08 -21.23 -21.64
CA ARG A 89 15.58 -22.23 -20.72
C ARG A 89 14.62 -23.15 -21.45
N LEU A 90 14.39 -24.32 -20.88
CA LEU A 90 13.31 -25.17 -21.36
C LEU A 90 11.98 -24.47 -21.15
N VAL A 91 11.04 -24.75 -22.03
CA VAL A 91 9.79 -24.00 -22.10
C VAL A 91 8.79 -24.58 -21.11
N ARG A 92 8.06 -23.69 -20.45
CA ARG A 92 7.01 -24.10 -19.52
C ARG A 92 5.94 -24.90 -20.24
N ASN A 93 5.30 -25.81 -19.51
CA ASN A 93 4.13 -26.52 -20.02
C ASN A 93 3.15 -25.52 -20.62
N GLY A 94 2.88 -25.67 -21.91
CA GLY A 94 2.52 -24.55 -22.74
C GLY A 94 1.77 -24.98 -23.98
N TYR A 95 0.98 -24.07 -24.51
CA TYR A 95 0.62 -24.06 -25.92
C TYR A 95 1.46 -23.04 -26.67
N LEU A 96 2.00 -23.46 -27.82
CA LEU A 96 2.80 -22.60 -28.68
C LEU A 96 2.12 -22.41 -30.02
N TYR A 97 2.12 -21.18 -30.51
CA TYR A 97 1.46 -20.80 -31.76
C TYR A 97 2.46 -20.09 -32.67
N VAL A 98 2.39 -20.41 -33.96
CA VAL A 98 3.32 -19.88 -34.96
C VAL A 98 2.54 -19.56 -36.23
N ILE A 99 2.60 -18.29 -36.65
CA ILE A 99 2.00 -17.84 -37.91
C ILE A 99 3.11 -17.74 -38.95
N ASP A 100 2.88 -18.31 -40.13
CA ASP A 100 3.85 -18.30 -41.21
C ASP A 100 3.44 -17.23 -42.22
N GLY A 101 4.26 -16.19 -42.34
CA GLY A 101 4.01 -15.14 -43.31
C GLY A 101 4.04 -15.58 -44.76
N GLY A 102 4.59 -16.77 -45.03
CA GLY A 102 4.55 -17.31 -46.37
C GLY A 102 3.21 -17.89 -46.77
N THR A 103 2.34 -18.17 -45.80
CA THR A 103 1.06 -18.82 -46.06
C THR A 103 -0.10 -18.26 -45.25
N GLY A 104 0.15 -17.56 -44.14
CA GLY A 104 -0.91 -17.06 -43.30
C GLY A 104 -1.50 -18.07 -42.35
N LYS A 105 -1.07 -19.32 -42.43
CA LYS A 105 -1.62 -20.38 -41.61
C LYS A 105 -1.25 -20.18 -40.15
N LEU A 106 -2.08 -20.74 -39.26
CA LEU A 106 -1.79 -20.78 -37.84
C LEU A 106 -1.36 -22.19 -37.45
N HIS A 107 -0.19 -22.29 -36.84
CA HIS A 107 0.30 -23.52 -36.22
C HIS A 107 0.05 -23.45 -34.72
N GLU A 108 -0.19 -24.61 -34.13
CA GLU A 108 -0.41 -24.69 -32.69
C GLU A 108 0.28 -25.92 -32.13
N TYR A 109 1.03 -25.71 -31.04
CA TYR A 109 1.89 -26.71 -30.45
C TYR A 109 1.61 -26.76 -28.96
N ARG A 110 1.72 -27.95 -28.37
CA ARG A 110 1.69 -28.09 -26.93
C ARG A 110 3.09 -28.37 -26.40
N ILE A 111 3.42 -27.74 -25.27
CA ILE A 111 4.72 -27.89 -24.63
C ILE A 111 4.54 -28.72 -23.37
N ASP A 112 5.35 -29.76 -23.23
CA ASP A 112 5.45 -30.48 -21.96
C ASP A 112 6.91 -30.73 -21.65
N LYS A 113 7.32 -30.38 -20.43
CA LYS A 113 8.67 -30.62 -19.91
C LYS A 113 9.75 -30.02 -20.80
N GLY A 114 9.45 -28.92 -21.51
CA GLY A 114 10.46 -28.17 -22.23
C GLY A 114 10.34 -28.26 -23.74
N ALA A 115 9.66 -29.26 -24.27
CA ALA A 115 9.69 -29.61 -25.68
C ALA A 115 8.27 -29.77 -26.21
N ILE A 116 8.15 -29.84 -27.53
CA ILE A 116 6.84 -29.98 -28.15
C ILE A 116 6.26 -31.33 -27.76
N ASP A 117 5.12 -31.32 -27.06
CA ASP A 117 4.37 -32.55 -26.84
C ASP A 117 3.59 -32.95 -28.08
N LYS A 118 2.81 -32.02 -28.63
CA LYS A 118 1.95 -32.32 -29.76
C LYS A 118 1.86 -31.11 -30.67
N LEU A 119 1.63 -31.37 -31.96
CA LEU A 119 1.07 -30.40 -32.88
C LEU A 119 -0.41 -30.71 -33.05
N LEU A 120 -1.25 -29.69 -32.92
CA LEU A 120 -2.69 -29.93 -32.80
C LEU A 120 -3.57 -29.03 -33.65
N TRP A 121 -3.05 -28.26 -34.61
CA TRP A 121 -3.98 -27.65 -35.55
C TRP A 121 -3.40 -27.46 -36.96
N GLN A 122 -2.38 -26.61 -37.07
CA GLN A 122 -1.74 -26.24 -38.34
C GLN A 122 -2.76 -25.91 -39.43
N ASP A 123 -3.62 -24.95 -39.16
CA ASP A 123 -4.72 -24.68 -40.08
C ASP A 123 -4.93 -23.18 -40.25
N ALA A 124 -5.61 -22.84 -41.34
CA ALA A 124 -5.82 -21.46 -41.77
C ALA A 124 -7.14 -20.85 -41.33
N GLU A 125 -7.99 -21.58 -40.59
CA GLU A 125 -9.39 -21.19 -40.51
C GLU A 125 -9.97 -21.55 -39.14
N VAL A 126 -11.08 -20.88 -38.83
CA VAL A 126 -11.90 -21.22 -37.67
C VAL A 126 -12.40 -22.66 -37.74
N ARG A 127 -12.31 -23.36 -36.60
CA ARG A 127 -12.98 -24.63 -36.41
C ARG A 127 -13.63 -24.74 -35.03
N ALA A 128 -12.84 -24.99 -34.00
CA ALA A 128 -13.37 -25.32 -32.68
C ALA A 128 -12.50 -24.72 -31.59
N ASP A 129 -13.14 -24.41 -30.46
CA ASP A 129 -12.49 -23.72 -29.35
C ASP A 129 -11.65 -24.64 -28.48
N VAL A 130 -11.90 -25.95 -28.49
CA VAL A 130 -11.08 -26.93 -27.81
C VAL A 130 -10.63 -28.00 -28.79
N ARG A 131 -9.33 -28.27 -28.81
CA ARG A 131 -8.70 -29.16 -29.78
C ARG A 131 -7.85 -30.20 -29.05
N SER A 132 -7.92 -31.45 -29.51
CA SER A 132 -7.47 -32.58 -28.70
C SER A 132 -6.93 -33.69 -29.58
N ARG A 133 -6.23 -33.33 -30.67
CA ARG A 133 -5.64 -34.29 -31.58
C ARG A 133 -4.18 -33.94 -31.80
N ALA A 134 -3.33 -34.96 -31.88
CA ALA A 134 -2.03 -34.80 -32.52
C ALA A 134 -2.21 -34.77 -34.03
N VAL A 135 -2.15 -33.56 -34.60
CA VAL A 135 -2.41 -33.39 -36.02
C VAL A 135 -1.22 -33.83 -36.86
N GLY A 136 0.00 -33.78 -36.31
CA GLY A 136 1.16 -34.20 -37.09
C GLY A 136 2.51 -34.03 -36.42
N GLU A 137 3.55 -33.89 -37.24
CA GLU A 137 4.92 -33.73 -36.77
C GLU A 137 5.06 -32.59 -35.77
N PRO A 138 5.45 -32.87 -34.52
CA PRO A 138 5.64 -31.80 -33.53
C PRO A 138 6.73 -30.79 -33.87
N GLN A 139 7.57 -31.04 -34.87
CA GLN A 139 8.70 -30.16 -35.10
C GLN A 139 8.25 -28.81 -35.68
N LEU A 140 9.09 -27.80 -35.44
CA LEU A 140 8.99 -26.51 -36.13
C LEU A 140 9.92 -26.51 -37.35
N VAL A 141 9.34 -26.60 -38.55
CA VAL A 141 10.13 -26.64 -39.78
C VAL A 141 9.52 -25.65 -40.75
N PHE A 142 10.37 -24.93 -41.47
CA PHE A 142 9.92 -23.75 -42.20
C PHE A 142 10.78 -23.59 -43.45
N PRO A 143 10.30 -22.83 -44.44
CA PRO A 143 11.19 -22.31 -45.47
C PRO A 143 12.01 -21.13 -44.97
N ARG A 144 13.30 -21.13 -45.28
CA ARG A 144 14.23 -20.15 -44.73
C ARG A 144 13.96 -18.74 -45.24
N THR A 145 13.05 -18.55 -46.20
CA THR A 145 12.72 -17.22 -46.70
C THR A 145 11.59 -16.55 -45.92
N SER A 146 10.84 -17.32 -45.13
CA SER A 146 9.64 -16.80 -44.49
C SER A 146 10.00 -15.85 -43.35
N VAL A 147 9.06 -14.97 -43.02
CA VAL A 147 9.00 -14.34 -41.70
C VAL A 147 7.90 -15.04 -40.93
N LEU A 148 8.24 -15.51 -39.73
CA LEU A 148 7.26 -16.08 -38.80
C LEU A 148 6.85 -15.07 -37.75
N TYR A 149 5.59 -15.18 -37.32
CA TYR A 149 5.11 -14.52 -36.12
C TYR A 149 4.75 -15.60 -35.11
N VAL A 150 5.32 -15.50 -33.92
CA VAL A 150 5.23 -16.56 -32.92
C VAL A 150 4.76 -15.98 -31.59
N ALA A 151 4.04 -16.79 -30.83
CA ALA A 151 3.63 -16.42 -29.49
C ALA A 151 3.44 -17.67 -28.65
N TYR A 152 3.62 -17.50 -27.33
CA TYR A 152 3.45 -18.56 -26.35
C TYR A 152 2.20 -18.34 -25.52
N SER A 153 1.53 -19.43 -25.18
CA SER A 153 0.23 -19.37 -24.55
C SER A 153 0.09 -20.55 -23.57
N GLU A 154 -0.69 -20.33 -22.52
CA GLU A 154 -0.94 -21.39 -21.55
C GLU A 154 -2.24 -22.12 -21.80
N LEU A 155 -3.10 -21.56 -22.66
CA LEU A 155 -4.44 -22.06 -22.93
C LEU A 155 -4.55 -22.38 -24.42
N GLN A 156 -5.46 -23.29 -24.77
CA GLN A 156 -5.87 -23.37 -26.16
C GLN A 156 -6.61 -22.09 -26.54
N TRP A 157 -6.26 -21.55 -27.71
CA TRP A 157 -6.98 -20.39 -28.22
C TRP A 157 -8.34 -20.78 -28.77
N THR A 158 -9.34 -19.97 -28.47
CA THR A 158 -10.65 -20.14 -29.08
C THR A 158 -10.55 -19.84 -30.57
N ALA A 159 -11.52 -20.34 -31.34
CA ALA A 159 -11.53 -20.04 -32.76
C ALA A 159 -11.68 -18.55 -33.03
N ARG A 160 -12.30 -17.79 -32.11
CA ARG A 160 -12.29 -16.35 -32.23
C ARG A 160 -10.88 -15.76 -32.16
N LYS A 161 -9.98 -16.43 -31.46
CA LYS A 161 -8.60 -15.95 -31.41
C LYS A 161 -7.75 -16.41 -32.57
N CYS A 162 -7.98 -17.59 -33.14
CA CYS A 162 -7.33 -17.88 -34.41
C CYS A 162 -7.79 -16.89 -35.47
N MET A 163 -9.11 -16.63 -35.52
CA MET A 163 -9.65 -15.63 -36.45
C MET A 163 -9.07 -14.24 -36.23
N GLN A 164 -8.74 -13.87 -35.00
CA GLN A 164 -8.17 -12.55 -34.72
C GLN A 164 -6.79 -12.31 -35.34
N VAL A 165 -6.04 -13.35 -35.71
CA VAL A 165 -4.71 -13.14 -36.27
C VAL A 165 -4.47 -13.88 -37.57
N LEU A 166 -5.31 -14.85 -37.93
CA LEU A 166 -5.39 -15.31 -39.32
C LEU A 166 -5.78 -14.16 -40.25
N ALA A 167 -6.88 -13.48 -39.92
CA ALA A 167 -7.49 -12.53 -40.85
C ALA A 167 -6.75 -11.20 -40.89
N SER A 168 -6.50 -10.59 -39.73
CA SER A 168 -6.06 -9.20 -39.70
C SER A 168 -4.58 -9.10 -39.37
N PRO A 169 -3.77 -8.53 -40.27
CA PRO A 169 -2.33 -8.39 -39.99
C PRO A 169 -2.02 -7.37 -38.90
N LYS A 170 -2.85 -6.33 -38.74
CA LYS A 170 -2.57 -5.30 -37.76
C LYS A 170 -2.57 -5.86 -36.34
N ASP A 171 -3.45 -6.83 -36.07
CA ASP A 171 -3.39 -7.55 -34.81
C ASP A 171 -2.24 -8.54 -34.76
N ARG A 172 -2.11 -9.37 -35.80
CA ARG A 172 -1.07 -10.39 -35.84
C ARG A 172 0.32 -9.83 -35.54
N GLU A 173 0.74 -8.84 -36.31
CA GLU A 173 2.09 -8.29 -36.16
C GLU A 173 2.26 -7.49 -34.89
N HIS A 174 1.18 -6.96 -34.32
CA HIS A 174 1.27 -6.27 -33.04
C HIS A 174 1.42 -7.22 -31.87
N PHE A 175 0.65 -8.30 -31.85
CA PHE A 175 0.67 -9.24 -30.74
C PHE A 175 1.81 -10.24 -30.80
N MET A 176 1.93 -10.98 -31.91
CA MET A 176 2.86 -12.09 -31.99
C MET A 176 4.27 -11.64 -32.36
N GLN A 177 5.25 -12.32 -31.76
CA GLN A 177 6.66 -11.99 -31.97
C GLN A 177 7.12 -12.40 -33.36
N ALA A 178 7.79 -11.48 -34.05
CA ALA A 178 8.21 -11.70 -35.43
C ALA A 178 9.68 -12.11 -35.43
N VAL A 179 9.98 -13.16 -36.21
CA VAL A 179 11.35 -13.62 -36.41
C VAL A 179 11.61 -13.74 -37.91
N ASP A 180 12.75 -13.21 -38.36
CA ASP A 180 13.06 -13.08 -39.79
C ASP A 180 14.08 -14.15 -40.15
N LEU A 181 13.58 -15.26 -40.72
CA LEU A 181 14.43 -16.41 -40.99
C LEU A 181 15.53 -16.09 -42.00
N ARG A 182 15.28 -15.14 -42.90
CA ARG A 182 16.32 -14.69 -43.83
C ARG A 182 17.47 -14.03 -43.09
N ARG A 183 17.20 -13.39 -41.95
CA ARG A 183 18.24 -12.71 -41.20
C ARG A 183 19.18 -13.69 -40.52
N ALA A 184 18.68 -14.86 -40.14
CA ALA A 184 19.49 -15.82 -39.40
C ALA A 184 20.59 -16.41 -40.27
N ASP A 185 21.67 -16.84 -39.61
CA ASP A 185 22.84 -17.44 -40.21
C ASP A 185 23.24 -18.67 -39.41
N PRO A 186 23.64 -19.77 -40.06
CA PRO A 186 23.87 -21.02 -39.34
C PRO A 186 25.13 -21.03 -38.49
N GLN A 187 25.97 -19.99 -38.59
CA GLN A 187 27.20 -19.90 -37.80
C GLN A 187 27.27 -18.68 -36.91
N GLN A 188 26.36 -17.71 -37.09
CA GLN A 188 26.19 -16.59 -36.17
C GLN A 188 24.85 -16.61 -35.46
N GLY A 189 23.87 -17.32 -36.01
CA GLY A 189 22.50 -17.23 -35.53
C GLY A 189 21.74 -16.12 -36.21
N GLY A 190 20.69 -15.66 -35.53
CA GLY A 190 19.84 -14.62 -36.06
C GLY A 190 19.03 -13.95 -34.97
N PRO A 191 18.01 -13.19 -35.39
CA PRO A 191 17.09 -12.60 -34.41
C PRO A 191 16.34 -13.70 -33.67
N HIS A 192 16.47 -13.68 -32.34
CA HIS A 192 15.90 -14.70 -31.45
C HIS A 192 16.32 -16.11 -31.82
N LEU A 193 17.38 -16.27 -32.61
CA LEU A 193 17.78 -17.57 -33.15
C LEU A 193 19.24 -17.83 -32.83
N LEU A 194 19.53 -19.00 -32.28
CA LEU A 194 20.85 -19.32 -31.77
C LEU A 194 21.42 -20.57 -32.41
N THR A 195 22.73 -20.58 -32.59
CA THR A 195 23.43 -21.74 -33.11
C THR A 195 23.51 -22.82 -32.03
N ARG A 196 23.86 -24.04 -32.46
CA ARG A 196 24.08 -25.14 -31.54
C ARG A 196 25.13 -24.81 -30.49
N ARG A 197 26.27 -24.25 -30.91
CA ARG A 197 27.31 -23.84 -29.98
C ARG A 197 26.85 -22.72 -29.06
N GLN A 198 26.05 -21.78 -29.58
CA GLN A 198 25.45 -20.76 -28.73
C GLN A 198 24.53 -21.37 -27.67
N ALA A 199 23.64 -22.26 -28.06
CA ALA A 199 22.74 -22.88 -27.08
C ALA A 199 23.53 -23.69 -26.06
N GLU A 200 24.52 -24.46 -26.52
CA GLU A 200 25.40 -25.19 -25.61
C GLU A 200 26.07 -24.27 -24.61
N THR A 201 26.46 -23.07 -25.04
CA THR A 201 27.06 -22.12 -24.11
C THR A 201 26.02 -21.53 -23.16
N TRP A 202 24.81 -21.26 -23.65
CA TRP A 202 23.89 -20.37 -22.97
C TRP A 202 22.61 -21.01 -22.44
N LEU A 203 22.33 -22.28 -22.78
CA LEU A 203 21.15 -22.95 -22.22
C LEU A 203 21.42 -23.29 -20.76
N ALA A 204 20.79 -22.52 -19.86
CA ALA A 204 21.13 -22.60 -18.44
C ALA A 204 20.88 -23.97 -17.84
N GLU A 205 19.79 -24.64 -18.21
CA GLU A 205 19.53 -25.97 -17.65
C GLU A 205 20.61 -26.97 -18.00
N VAL A 206 21.26 -26.83 -19.16
CA VAL A 206 22.49 -27.58 -19.39
C VAL A 206 23.66 -26.96 -18.64
N VAL A 207 23.82 -25.65 -18.77
CA VAL A 207 25.06 -24.98 -18.37
C VAL A 207 25.19 -24.86 -16.85
N GLN A 208 24.07 -24.72 -16.14
CA GLN A 208 24.10 -24.20 -14.76
C GLN A 208 25.03 -25.02 -13.87
N ASN A 209 24.80 -26.33 -13.80
CA ASN A 209 25.54 -27.18 -12.89
C ASN A 209 26.48 -28.14 -13.60
N LYS A 210 26.59 -28.03 -14.93
CA LYS A 210 27.65 -28.72 -15.65
C LYS A 210 29.01 -28.30 -15.12
N VAL A 211 29.88 -29.28 -14.88
CA VAL A 211 31.25 -29.01 -14.45
C VAL A 211 32.04 -28.59 -15.69
N HIS A 212 32.18 -27.27 -15.89
CA HIS A 212 33.01 -26.77 -16.97
C HIS A 212 34.47 -27.07 -16.69
N ARG A 213 35.25 -27.23 -17.76
CA ARG A 213 36.60 -27.76 -17.65
C ARG A 213 37.58 -26.84 -18.38
N ASP A 214 38.78 -26.72 -17.82
CA ASP A 214 39.83 -25.88 -18.36
C ASP A 214 40.82 -26.68 -19.19
N GLU A 215 41.78 -25.97 -19.78
CA GLU A 215 42.81 -26.54 -20.65
C GLU A 215 43.71 -27.54 -19.93
N GLN A 216 43.67 -27.60 -18.60
CA GLN A 216 44.42 -28.58 -17.82
C GLN A 216 43.52 -29.58 -17.11
N GLY A 217 42.27 -29.69 -17.56
CA GLY A 217 41.35 -30.69 -17.07
C GLY A 217 40.75 -30.41 -15.70
N GLN A 218 41.04 -29.26 -15.11
CA GLN A 218 40.43 -28.88 -13.86
C GLN A 218 39.08 -28.22 -14.14
N GLN A 219 38.30 -28.02 -13.08
CA GLN A 219 37.03 -27.32 -13.23
C GLN A 219 37.27 -25.88 -13.70
N ARG A 220 36.69 -25.54 -14.84
CA ARG A 220 36.52 -24.14 -15.21
C ARG A 220 35.33 -23.55 -14.49
N PHE A 221 35.47 -22.28 -14.07
CA PHE A 221 34.39 -21.56 -13.41
C PHE A 221 33.90 -20.40 -14.28
N PRO A 222 33.01 -20.65 -15.23
CA PRO A 222 32.39 -19.56 -15.99
C PRO A 222 31.52 -18.68 -15.12
N PRO A 223 31.21 -17.45 -15.57
CA PRO A 223 30.80 -16.39 -14.64
C PRO A 223 29.55 -16.69 -13.80
N HIS A 224 28.74 -17.67 -14.19
CA HIS A 224 27.62 -18.08 -13.34
C HIS A 224 28.08 -19.01 -12.22
N GLN A 225 29.13 -19.78 -12.46
CA GLN A 225 29.94 -20.33 -11.37
C GLN A 225 30.87 -19.23 -10.87
N GLN A 226 31.71 -19.56 -9.88
CA GLN A 226 32.20 -18.59 -8.90
C GLN A 226 31.05 -17.92 -8.17
N ARG A 227 29.92 -18.62 -8.05
CA ARG A 227 28.74 -18.11 -7.36
C ARG A 227 29.14 -17.64 -5.97
N PRO A 228 28.88 -16.39 -5.61
CA PRO A 228 29.73 -15.71 -4.63
C PRO A 228 29.53 -16.14 -3.18
N ALA A 229 30.04 -17.33 -2.85
CA ALA A 229 30.19 -17.79 -1.47
C ALA A 229 28.96 -17.54 -0.61
N SER A 230 27.79 -17.95 -1.12
CA SER A 230 26.53 -17.63 -0.50
C SER A 230 26.56 -18.03 0.99
N PRO A 231 26.38 -17.10 1.91
CA PRO A 231 26.83 -17.32 3.29
C PRO A 231 25.91 -18.27 4.03
N PRO A 232 26.40 -18.88 5.12
CA PRO A 232 25.53 -19.70 5.97
C PRO A 232 24.44 -18.90 6.68
N ALA A 233 24.50 -17.57 6.65
CA ALA A 233 23.37 -16.77 7.09
C ALA A 233 22.17 -16.91 6.15
N ALA A 234 22.40 -17.23 4.89
CA ALA A 234 21.32 -17.23 3.91
C ALA A 234 20.27 -18.29 4.27
N HIS A 235 19.03 -18.00 3.90
CA HIS A 235 17.95 -18.95 4.09
C HIS A 235 18.26 -20.26 3.37
N PRO A 236 17.95 -21.40 3.97
CA PRO A 236 18.25 -22.71 3.35
C PRO A 236 17.77 -22.87 1.91
N ASP A 237 16.64 -22.27 1.54
CA ASP A 237 16.18 -22.34 0.16
C ASP A 237 16.93 -21.37 -0.75
N GLU A 238 17.44 -20.26 -0.21
CA GLU A 238 18.27 -19.37 -1.01
C GLU A 238 19.57 -20.05 -1.40
N ARG A 239 20.03 -21.02 -0.61
CA ARG A 239 21.15 -21.86 -1.05
C ARG A 239 20.85 -22.54 -2.37
N ARG A 240 19.61 -23.00 -2.55
CA ARG A 240 19.22 -23.68 -3.78
C ARG A 240 18.99 -22.68 -4.91
N ASP A 241 19.33 -23.10 -6.12
CA ASP A 241 19.12 -22.30 -7.32
C ASP A 241 17.70 -22.46 -7.86
N TYR A 242 17.24 -21.43 -8.57
CA TYR A 242 15.92 -21.43 -9.23
C TYR A 242 14.79 -21.72 -8.24
N VAL A 243 14.74 -20.91 -7.18
CA VAL A 243 13.83 -21.14 -6.06
C VAL A 243 12.36 -20.93 -6.41
N TRP A 244 12.05 -20.32 -7.55
CA TRP A 244 10.66 -20.18 -7.99
C TRP A 244 10.14 -21.55 -8.45
N GLU A 245 9.84 -22.39 -7.47
CA GLU A 245 9.54 -23.80 -7.68
C GLU A 245 8.08 -24.09 -7.35
N ASP A 246 7.17 -23.26 -7.87
CA ASP A 246 5.74 -23.49 -7.78
C ASP A 246 5.13 -23.92 -9.12
N PRO A 247 5.18 -25.22 -9.47
CA PRO A 247 5.93 -26.32 -8.88
C PRO A 247 7.40 -26.27 -9.30
N PRO A 248 8.27 -27.16 -8.79
CA PRO A 248 9.63 -27.23 -9.32
C PRO A 248 9.63 -27.54 -10.81
N LEU A 249 10.29 -26.69 -11.58
CA LEU A 249 10.42 -26.87 -13.03
C LEU A 249 11.85 -26.99 -13.49
N PHE A 250 12.77 -26.26 -12.88
CA PHE A 250 14.17 -26.35 -13.27
C PHE A 250 14.72 -27.75 -12.98
N ARG A 251 15.58 -28.23 -13.86
CA ARG A 251 16.28 -29.48 -13.66
C ARG A 251 17.62 -29.40 -14.38
N ASP A 252 18.62 -30.09 -13.83
CA ASP A 252 19.87 -30.28 -14.56
C ASP A 252 19.62 -31.11 -15.80
N THR A 253 20.12 -30.65 -16.94
CA THR A 253 19.74 -31.19 -18.23
C THR A 253 20.98 -31.47 -19.05
N GLN A 254 20.89 -32.46 -19.94
CA GLN A 254 21.85 -32.68 -21.00
C GLN A 254 21.22 -32.30 -22.34
N LEU A 255 21.94 -31.52 -23.14
CA LEU A 255 21.43 -31.10 -24.44
C LEU A 255 21.11 -32.27 -25.36
N GLY A 256 21.66 -33.45 -25.08
CA GLY A 256 21.22 -34.66 -25.76
C GLY A 256 19.71 -34.84 -25.83
N GLU A 257 18.99 -34.41 -24.79
CA GLU A 257 17.54 -34.55 -24.81
C GLU A 257 16.86 -33.57 -25.77
N LEU A 258 17.55 -32.50 -26.16
CA LEU A 258 17.00 -31.55 -27.12
C LEU A 258 17.49 -31.79 -28.53
N THR A 259 18.72 -32.29 -28.69
CA THR A 259 19.13 -32.85 -29.97
C THR A 259 18.30 -34.08 -30.35
N ALA A 260 17.79 -34.82 -29.36
CA ALA A 260 16.80 -35.84 -29.66
C ALA A 260 15.52 -35.27 -30.24
N GLN A 261 15.27 -33.97 -30.08
CA GLN A 261 14.16 -33.28 -30.71
C GLN A 261 14.49 -32.77 -32.11
N VAL A 262 15.75 -32.74 -32.51
CA VAL A 262 16.11 -32.41 -33.88
C VAL A 262 15.96 -33.64 -34.77
N LEU A 263 15.24 -33.48 -35.86
CA LEU A 263 15.18 -34.53 -36.88
C LEU A 263 16.54 -34.63 -37.55
N PRO A 264 17.17 -35.81 -37.55
CA PRO A 264 18.62 -35.89 -37.84
C PRO A 264 19.09 -35.13 -39.07
N GLN A 265 18.27 -35.06 -40.13
CA GLN A 265 18.66 -34.30 -41.32
C GLN A 265 18.89 -32.83 -41.02
N TYR A 266 18.23 -32.28 -40.00
CA TYR A 266 18.43 -30.89 -39.62
C TYR A 266 19.48 -30.69 -38.53
N GLU A 267 20.19 -31.76 -38.13
CA GLU A 267 21.16 -31.64 -37.04
C GLU A 267 22.23 -30.60 -37.35
N HIS A 268 22.61 -30.46 -38.62
CA HIS A 268 23.54 -29.41 -39.01
C HIS A 268 22.85 -28.07 -39.27
N ASP A 269 21.57 -28.11 -39.66
CA ASP A 269 20.83 -26.91 -40.04
C ASP A 269 20.04 -26.28 -38.90
N ALA A 270 19.70 -27.03 -37.85
CA ALA A 270 18.71 -26.53 -36.90
C ALA A 270 19.26 -25.37 -36.06
N LEU A 271 18.32 -24.62 -35.49
CA LEU A 271 18.63 -23.51 -34.60
C LEU A 271 17.69 -23.58 -33.41
N PHE A 272 18.05 -22.86 -32.35
CA PHE A 272 17.20 -22.71 -31.18
C PHE A 272 16.47 -21.37 -31.20
N LEU A 273 15.16 -21.41 -30.98
CA LEU A 273 14.28 -20.26 -31.09
C LEU A 273 13.82 -19.86 -29.69
N ALA A 274 14.00 -18.59 -29.34
CA ALA A 274 13.58 -18.05 -28.05
C ALA A 274 12.20 -17.40 -28.20
N LEU A 275 11.20 -18.00 -27.55
CA LEU A 275 9.79 -17.77 -27.87
C LEU A 275 9.20 -16.53 -27.23
N ARG A 276 9.99 -15.60 -26.68
CA ARG A 276 9.46 -14.44 -25.95
C ARG A 276 8.28 -14.83 -25.06
N ASP A 277 8.54 -15.77 -24.16
CA ASP A 277 7.50 -16.26 -23.24
C ASP A 277 7.28 -15.25 -22.11
N ASP A 278 6.63 -14.14 -22.47
CA ASP A 278 6.50 -13.03 -21.55
C ASP A 278 5.59 -13.39 -20.38
N ILE A 279 4.61 -14.27 -20.63
CA ILE A 279 3.77 -14.81 -19.56
C ILE A 279 4.60 -15.69 -18.63
N GLY A 280 5.34 -16.64 -19.19
CA GLY A 280 6.16 -17.52 -18.38
C GLY A 280 7.23 -16.78 -17.58
N VAL A 281 7.86 -15.79 -18.19
CA VAL A 281 8.79 -14.91 -17.46
C VAL A 281 8.08 -14.13 -16.36
N MET A 282 6.87 -13.65 -16.62
CA MET A 282 6.12 -12.92 -15.59
C MET A 282 5.69 -13.83 -14.44
N ARG A 283 5.36 -15.08 -14.74
CA ARG A 283 5.08 -16.06 -13.71
C ARG A 283 6.32 -16.44 -12.91
N ASP A 284 7.43 -16.69 -13.60
CA ASP A 284 8.68 -16.94 -12.88
C ASP A 284 9.06 -15.78 -11.97
N LEU A 285 8.99 -14.55 -12.46
CA LEU A 285 9.24 -13.39 -11.61
C LEU A 285 8.22 -13.22 -10.48
N ALA A 286 6.96 -13.61 -10.70
CA ALA A 286 5.96 -13.55 -9.64
C ALA A 286 6.24 -14.57 -8.55
N ALA A 287 6.40 -15.84 -8.93
CA ALA A 287 6.74 -16.89 -7.98
C ALA A 287 8.08 -16.64 -7.28
N TYR A 288 9.04 -16.05 -7.98
CA TYR A 288 10.30 -15.68 -7.33
C TYR A 288 10.13 -14.54 -6.33
N GLN A 289 9.34 -13.52 -6.67
CA GLN A 289 9.01 -12.49 -5.68
C GLN A 289 8.30 -13.10 -4.47
N ASP A 290 7.33 -13.97 -4.72
CA ASP A 290 6.64 -14.68 -3.64
C ASP A 290 7.61 -15.47 -2.78
N GLU A 291 8.55 -16.19 -3.39
CA GLU A 291 9.50 -17.00 -2.63
C GLU A 291 10.47 -16.15 -1.82
N VAL A 292 10.85 -14.97 -2.32
CA VAL A 292 11.63 -14.05 -1.50
C VAL A 292 10.79 -13.43 -0.39
N VAL A 293 9.49 -13.27 -0.60
CA VAL A 293 8.62 -12.96 0.53
C VAL A 293 8.59 -14.13 1.51
N GLY A 294 8.63 -15.35 0.98
CA GLY A 294 8.68 -16.53 1.82
C GLY A 294 9.91 -16.56 2.71
N TRP A 295 11.06 -16.22 2.14
CA TRP A 295 12.28 -16.08 2.91
C TRP A 295 12.16 -14.98 3.96
N LEU A 296 11.62 -13.83 3.58
CA LEU A 296 11.47 -12.73 4.55
C LEU A 296 10.53 -13.12 5.69
N GLU A 297 9.35 -13.64 5.38
CA GLU A 297 8.40 -14.06 6.41
C GLU A 297 8.95 -15.19 7.28
N GLU A 298 9.47 -16.26 6.67
CA GLU A 298 9.97 -17.39 7.45
C GLU A 298 11.17 -17.03 8.31
N TRP A 299 12.05 -16.14 7.82
CA TRP A 299 13.11 -15.66 8.69
C TRP A 299 12.56 -14.78 9.80
N LEU A 300 11.74 -13.79 9.46
CA LEU A 300 11.13 -12.91 10.46
C LEU A 300 10.33 -13.69 11.50
N GLN A 301 9.62 -14.73 11.08
CA GLN A 301 8.88 -15.56 12.01
C GLN A 301 9.76 -16.52 12.80
N GLY A 302 10.98 -16.76 12.33
CA GLY A 302 11.88 -17.69 12.97
C GLY A 302 12.40 -17.20 14.30
N GLY A 303 13.43 -17.89 14.78
CA GLY A 303 13.88 -17.77 16.16
C GLY A 303 13.08 -18.64 17.10
N ALA A 304 13.38 -18.48 18.40
CA ALA A 304 12.87 -19.38 19.42
C ALA A 304 11.38 -19.25 19.66
N GLN A 305 10.73 -18.25 19.06
CA GLN A 305 9.31 -18.00 19.31
C GLN A 305 8.69 -17.48 18.01
N ALA A 306 7.37 -17.58 17.92
CA ALA A 306 6.68 -17.01 16.77
C ALA A 306 7.02 -15.53 16.66
N GLY A 307 7.64 -15.15 15.55
CA GLY A 307 8.04 -13.78 15.36
C GLY A 307 9.26 -13.36 16.13
N ALA A 308 9.99 -14.32 16.72
CA ALA A 308 11.14 -13.98 17.54
C ALA A 308 12.25 -13.31 16.73
N ASN A 309 12.54 -13.82 15.54
CA ASN A 309 13.58 -13.21 14.71
C ASN A 309 13.18 -11.83 14.20
N GLU A 310 11.93 -11.66 13.76
CA GLU A 310 11.43 -10.32 13.43
C GLU A 310 11.58 -9.38 14.63
N ARG A 311 11.05 -9.79 15.78
CA ARG A 311 11.21 -9.02 17.01
C ARG A 311 12.66 -8.62 17.26
N ASP A 312 13.57 -9.60 17.20
CA ASP A 312 14.99 -9.36 17.45
C ASP A 312 15.59 -8.40 16.43
N TYR A 313 15.28 -8.58 15.16
CA TYR A 313 15.90 -7.75 14.14
C TYR A 313 15.34 -6.34 14.12
N VAL A 314 14.02 -6.18 14.19
CA VAL A 314 13.44 -4.84 14.23
C VAL A 314 13.92 -4.07 15.45
N ILE A 315 14.04 -4.75 16.59
CA ILE A 315 14.57 -4.09 17.78
C ILE A 315 16.07 -3.79 17.65
N ALA A 316 16.83 -4.69 17.04
CA ALA A 316 18.23 -4.40 16.74
C ALA A 316 18.38 -3.19 15.81
N CYS A 317 17.56 -3.10 14.77
CA CYS A 317 17.62 -1.97 13.86
C CYS A 317 17.17 -0.66 14.50
N TYR A 318 16.20 -0.72 15.41
CA TYR A 318 15.88 0.44 16.22
C TYR A 318 17.05 0.85 17.11
N ILE A 319 17.71 -0.12 17.74
CA ILE A 319 18.86 0.20 18.59
C ILE A 319 20.02 0.75 17.77
N GLU A 320 20.26 0.18 16.58
CA GLU A 320 21.30 0.68 15.70
C GLU A 320 20.99 2.09 15.20
N SER A 321 19.75 2.36 14.80
CA SER A 321 19.39 3.71 14.40
C SER A 321 19.58 4.71 15.55
N LEU A 322 19.16 4.33 16.76
CA LEU A 322 19.41 5.18 17.92
C LEU A 322 20.89 5.39 18.18
N THR A 323 21.69 4.33 18.06
CA THR A 323 23.13 4.43 18.21
C THR A 323 23.73 5.41 17.19
N GLN A 324 23.36 5.24 15.93
CA GLN A 324 23.89 6.09 14.86
C GLN A 324 23.50 7.55 15.06
N ILE A 325 22.25 7.80 15.43
CA ILE A 325 21.81 9.17 15.71
C ILE A 325 22.58 9.77 16.89
N ARG A 326 22.65 9.03 18.01
CA ARG A 326 23.37 9.52 19.17
C ARG A 326 24.85 9.77 18.87
N ALA A 327 25.48 8.90 18.07
CA ALA A 327 26.85 9.17 17.65
C ALA A 327 26.94 10.40 16.77
N ALA A 328 25.98 10.57 15.85
CA ALA A 328 26.01 11.71 14.94
C ALA A 328 25.77 13.01 15.67
N GLU A 329 25.20 12.96 16.88
CA GLU A 329 25.10 14.14 17.73
C GLU A 329 26.40 14.45 18.47
N LEU A 330 27.37 13.53 18.49
CA LEU A 330 28.63 13.81 19.18
C LEU A 330 29.47 14.86 18.47
N PRO A 331 29.69 14.81 17.15
CA PRO A 331 30.56 15.82 16.53
C PRO A 331 29.90 17.17 16.33
N LYS A 332 28.57 17.23 16.37
CA LYS A 332 27.84 18.47 16.09
C LYS A 332 28.12 19.52 17.16
N GLY A 430 28.62 8.31 24.21
CA GLY A 430 27.23 8.16 24.60
C GLY A 430 26.69 6.76 24.33
N GLN A 431 27.41 6.00 23.51
CA GLN A 431 26.99 4.64 23.18
C GLN A 431 27.02 3.71 24.40
N ARG A 432 27.81 4.04 25.42
CA ARG A 432 27.85 3.20 26.63
C ARG A 432 26.45 3.04 27.23
N GLY A 433 25.63 4.08 27.17
CA GLY A 433 24.29 3.99 27.73
C GLY A 433 23.47 2.89 27.09
N ILE A 434 23.78 2.56 25.85
CA ILE A 434 23.17 1.42 25.16
C ILE A 434 23.93 0.14 25.45
N ASP A 435 25.26 0.19 25.36
CA ASP A 435 26.08 -1.01 25.46
C ASP A 435 26.08 -1.57 26.88
N ASP A 436 25.94 -0.71 27.89
CA ASP A 436 25.67 -1.19 29.23
C ASP A 436 24.42 -2.07 29.26
N LEU A 437 23.43 -1.76 28.43
CA LEU A 437 22.16 -2.47 28.44
C LEU A 437 22.13 -3.58 27.41
N ILE A 438 22.67 -3.34 26.22
CA ILE A 438 22.56 -4.26 25.09
C ILE A 438 23.89 -4.99 24.93
N ASP A 439 23.81 -6.31 24.73
CA ASP A 439 24.99 -7.11 24.39
C ASP A 439 25.38 -6.79 22.95
N ARG A 440 26.04 -5.63 22.80
CA ARG A 440 26.40 -5.13 21.47
C ARG A 440 27.16 -6.12 20.59
N PRO A 441 28.20 -6.80 21.04
CA PRO A 441 28.85 -7.78 20.15
C PRO A 441 27.90 -8.81 19.56
N ALA A 442 26.94 -9.30 20.35
CA ALA A 442 25.91 -10.20 19.85
C ALA A 442 24.97 -9.49 18.88
N MET A 443 24.47 -8.32 19.28
CA MET A 443 23.49 -7.60 18.46
C MET A 443 24.09 -7.23 17.11
N ASP A 444 25.24 -6.56 17.12
CA ASP A 444 25.92 -6.17 15.89
C ASP A 444 26.40 -7.35 15.06
N SER A 445 26.81 -8.46 15.68
CA SER A 445 27.14 -9.64 14.86
C SER A 445 25.89 -10.21 14.18
N PHE A 446 24.76 -10.20 14.90
CA PHE A 446 23.49 -10.62 14.32
C PHE A 446 23.08 -9.71 13.16
N LEU A 447 23.20 -8.39 13.34
CA LEU A 447 22.96 -7.45 12.27
C LEU A 447 23.93 -7.65 11.11
N ALA A 448 25.21 -7.83 11.39
CA ALA A 448 26.20 -8.02 10.33
C ALA A 448 25.94 -9.28 9.52
N ALA A 449 25.40 -10.32 10.14
CA ALA A 449 24.98 -11.50 9.37
C ALA A 449 23.70 -11.26 8.56
N ASN A 450 22.64 -10.76 9.22
CA ASN A 450 21.33 -10.62 8.58
C ASN A 450 21.21 -9.46 7.58
N ARG A 451 21.91 -8.36 7.78
CA ARG A 451 21.91 -7.27 6.80
C ARG A 451 22.35 -7.67 5.40
N PRO A 452 23.47 -8.37 5.19
CA PRO A 452 23.72 -8.92 3.84
C PRO A 452 22.60 -9.78 3.28
N ASN A 453 21.88 -10.52 4.13
CA ASN A 453 20.67 -11.20 3.66
C ASN A 453 19.61 -10.21 3.20
N LEU A 454 19.28 -9.22 4.02
CA LEU A 454 18.19 -8.33 3.65
C LEU A 454 18.56 -7.46 2.45
N ALA A 455 19.81 -7.02 2.37
CA ALA A 455 20.28 -6.31 1.19
C ALA A 455 20.15 -7.16 -0.06
N ARG A 456 20.57 -8.43 0.01
CA ARG A 456 20.47 -9.30 -1.15
C ARG A 456 19.00 -9.52 -1.54
N TRP A 457 18.16 -9.80 -0.55
CA TRP A 457 16.73 -10.04 -0.79
C TRP A 457 16.03 -8.81 -1.35
N ASN A 458 16.29 -7.63 -0.79
CA ASN A 458 15.67 -6.41 -1.28
C ASN A 458 16.17 -6.01 -2.66
N ALA A 459 17.49 -6.02 -2.88
CA ALA A 459 17.99 -5.65 -4.21
C ALA A 459 17.51 -6.63 -5.28
N LEU A 460 17.42 -7.91 -4.91
CA LEU A 460 16.80 -8.91 -5.77
C LEU A 460 15.33 -8.60 -6.06
N LEU A 461 14.56 -8.23 -5.03
CA LEU A 461 13.17 -7.86 -5.26
C LEU A 461 13.02 -6.59 -6.09
N GLU A 462 13.85 -5.58 -5.83
CA GLU A 462 13.88 -4.37 -6.66
C GLU A 462 14.13 -4.70 -8.14
N GLN A 463 15.10 -5.55 -8.41
CA GLN A 463 15.38 -5.95 -9.79
C GLN A 463 14.29 -6.85 -10.38
N ILE A 464 13.61 -7.64 -9.56
CA ILE A 464 12.42 -8.35 -10.04
C ILE A 464 11.29 -7.39 -10.38
N SER A 465 11.08 -6.36 -9.56
CA SER A 465 10.14 -5.30 -9.89
C SER A 465 10.47 -4.64 -11.22
N ALA A 466 11.73 -4.27 -11.42
CA ALA A 466 12.17 -3.67 -12.68
C ALA A 466 11.94 -4.62 -13.86
N ASP A 467 12.24 -5.92 -13.68
CA ASP A 467 12.06 -6.89 -14.74
C ASP A 467 10.58 -7.15 -15.05
N ARG A 468 9.72 -7.09 -14.05
CA ARG A 468 8.28 -7.26 -14.29
C ARG A 468 7.69 -6.04 -14.98
N THR A 469 8.04 -4.85 -14.53
CA THR A 469 7.43 -3.65 -15.11
C THR A 469 8.10 -3.18 -16.39
N GLN A 470 9.28 -3.70 -16.75
CA GLN A 470 9.67 -3.69 -18.16
C GLN A 470 8.71 -4.50 -19.04
N MET A 471 7.86 -5.34 -18.45
CA MET A 471 6.78 -5.98 -19.18
C MET A 471 5.48 -5.18 -19.12
N LEU A 472 5.45 -4.10 -18.34
CA LEU A 472 4.31 -3.20 -18.21
C LEU A 472 4.72 -1.77 -18.50
N THR A 473 5.55 -1.60 -19.53
CA THR A 473 5.83 -0.33 -20.16
C THR A 473 5.91 -0.63 -21.65
N GLU A 474 6.84 -1.51 -22.02
CA GLU A 474 6.65 -2.34 -23.19
C GLU A 474 5.46 -3.26 -22.94
N GLN A 475 4.59 -3.41 -23.93
CA GLN A 475 3.28 -3.98 -23.68
C GLN A 475 3.29 -5.49 -23.49
N ARG A 476 4.46 -6.06 -23.16
CA ARG A 476 4.71 -7.49 -23.38
C ARG A 476 3.69 -8.36 -22.64
N PHE A 477 3.24 -7.92 -21.47
CA PHE A 477 2.18 -8.64 -20.78
C PHE A 477 0.88 -8.62 -21.56
N HIS A 478 0.27 -7.45 -21.74
CA HIS A 478 -1.01 -7.37 -22.45
C HIS A 478 -0.87 -7.84 -23.89
N ARG A 479 0.29 -7.62 -24.49
CA ARG A 479 0.58 -8.15 -25.82
C ARG A 479 0.68 -9.67 -25.85
N ALA A 480 0.92 -10.32 -24.72
CA ALA A 480 0.86 -11.79 -24.64
C ALA A 480 -0.48 -12.33 -24.16
N ALA A 481 -1.09 -11.68 -23.16
CA ALA A 481 -2.38 -12.06 -22.59
C ALA A 481 -3.56 -11.79 -23.51
N TRP A 482 -3.29 -11.64 -24.80
CA TRP A 482 -4.30 -11.19 -25.75
C TRP A 482 -5.25 -12.31 -26.17
N TYR A 483 -4.92 -13.56 -25.90
CA TYR A 483 -5.66 -14.70 -26.44
C TYR A 483 -6.78 -15.20 -25.53
N TYR A 484 -6.95 -14.60 -24.35
CA TYR A 484 -8.07 -14.94 -23.49
C TYR A 484 -9.40 -14.56 -24.14
N ASP A 485 -10.43 -15.38 -23.94
CA ASP A 485 -11.68 -15.24 -24.69
C ASP A 485 -12.86 -15.50 -23.76
N PHE A 486 -13.45 -14.42 -23.25
CA PHE A 486 -14.50 -14.48 -22.26
C PHE A 486 -15.74 -15.24 -22.73
N GLN A 487 -15.87 -15.49 -24.02
CA GLN A 487 -17.02 -16.25 -24.52
C GLN A 487 -16.99 -17.70 -24.09
N GLN A 488 -15.87 -18.20 -23.57
CA GLN A 488 -15.84 -19.47 -22.83
C GLN A 488 -15.61 -19.15 -21.36
N ALA A 489 -16.53 -19.58 -20.51
CA ALA A 489 -16.48 -19.14 -19.11
C ALA A 489 -15.29 -19.74 -18.38
N GLU A 490 -14.92 -20.97 -18.71
CA GLU A 490 -13.73 -21.58 -18.13
C GLU A 490 -12.49 -20.77 -18.49
N GLN A 491 -12.40 -20.32 -19.74
CA GLN A 491 -11.27 -19.48 -20.14
C GLN A 491 -11.37 -18.08 -19.54
N LEU A 492 -12.58 -17.56 -19.31
CA LEU A 492 -12.72 -16.32 -18.56
C LEU A 492 -12.14 -16.44 -17.16
N GLY A 493 -12.38 -17.58 -16.50
CA GLY A 493 -11.77 -17.83 -15.21
C GLY A 493 -10.27 -17.99 -15.29
N LEU A 494 -9.80 -18.84 -16.21
CA LEU A 494 -8.37 -19.06 -16.35
C LEU A 494 -7.65 -17.77 -16.73
N ALA A 495 -8.33 -16.88 -17.45
CA ALA A 495 -7.78 -15.59 -17.85
C ALA A 495 -7.62 -14.66 -16.66
N PHE A 496 -8.66 -14.52 -15.84
CA PHE A 496 -8.48 -13.73 -14.62
C PHE A 496 -7.48 -14.36 -13.66
N ALA A 497 -7.40 -15.68 -13.61
CA ALA A 497 -6.42 -16.34 -12.76
C ALA A 497 -4.99 -16.13 -13.26
N THR A 498 -4.77 -16.15 -14.57
CA THR A 498 -3.43 -15.95 -15.11
C THR A 498 -3.01 -14.49 -15.10
N GLN A 499 -3.93 -13.56 -15.37
CA GLN A 499 -3.66 -12.16 -15.10
C GLN A 499 -3.31 -11.91 -13.63
N TYR A 500 -4.01 -12.58 -12.71
CA TYR A 500 -3.62 -12.49 -11.30
C TYR A 500 -2.22 -13.06 -11.07
N ALA A 501 -1.94 -14.25 -11.60
CA ALA A 501 -0.64 -14.88 -11.40
C ALA A 501 0.51 -14.03 -11.93
N CYS A 502 0.32 -13.42 -13.10
CA CYS A 502 1.37 -12.59 -13.68
C CYS A 502 1.49 -11.24 -12.99
N LEU A 503 0.37 -10.60 -12.68
CA LEU A 503 0.38 -9.25 -12.13
C LEU A 503 0.29 -9.20 -10.61
N LYS A 504 0.14 -10.33 -9.92
CA LYS A 504 -0.02 -10.28 -8.47
C LYS A 504 1.17 -9.58 -7.84
N ASP A 505 0.88 -8.57 -7.02
CA ASP A 505 1.90 -7.80 -6.31
C ASP A 505 2.91 -7.15 -7.25
N ILE A 506 2.56 -6.98 -8.53
CA ILE A 506 3.50 -6.42 -9.50
C ILE A 506 3.87 -4.99 -9.09
N CYS A 507 2.93 -4.26 -8.53
CA CYS A 507 3.24 -2.96 -7.93
C CYS A 507 3.82 -3.16 -6.54
N ARG A 508 4.81 -4.04 -6.45
CA ARG A 508 5.53 -4.29 -5.21
C ARG A 508 6.18 -3.02 -4.66
N SER A 509 6.50 -2.05 -5.53
CA SER A 509 7.27 -0.90 -5.10
C SER A 509 6.97 0.29 -6.01
N ASP A 510 7.30 1.47 -5.49
CA ASP A 510 6.96 2.72 -6.17
C ASP A 510 7.43 2.78 -7.62
N GLU A 511 8.67 2.37 -7.91
CA GLU A 511 9.12 2.41 -9.29
C GLU A 511 8.33 1.47 -10.19
N ALA A 512 7.86 0.34 -9.63
CA ALA A 512 6.91 -0.52 -10.34
C ALA A 512 5.53 0.11 -10.44
N SER A 513 5.03 0.67 -9.34
CA SER A 513 3.70 1.27 -9.38
C SER A 513 3.67 2.39 -10.41
N GLU A 514 4.74 3.19 -10.48
CA GLU A 514 4.83 4.30 -11.41
C GLU A 514 5.02 3.85 -12.85
N ALA A 515 5.75 2.75 -13.09
CA ALA A 515 5.81 2.22 -14.44
C ALA A 515 4.46 1.72 -14.93
N VAL A 516 3.78 0.89 -14.12
CA VAL A 516 2.48 0.36 -14.51
C VAL A 516 1.46 1.49 -14.62
N LEU A 517 1.54 2.49 -13.74
CA LEU A 517 0.66 3.64 -13.84
C LEU A 517 0.86 4.41 -15.13
N ALA A 518 2.10 4.81 -15.43
CA ALA A 518 2.36 5.55 -16.66
C ALA A 518 1.91 4.75 -17.89
N PHE A 519 2.05 3.43 -17.83
CA PHE A 519 1.54 2.56 -18.89
C PHE A 519 0.03 2.64 -19.02
N LEU A 520 -0.71 2.56 -17.90
CA LEU A 520 -2.15 2.69 -17.98
C LEU A 520 -2.61 4.10 -18.35
N GLU A 521 -1.86 5.12 -17.94
CA GLU A 521 -2.20 6.48 -18.36
C GLU A 521 -2.04 6.66 -19.85
N GLU A 522 -1.02 6.02 -20.44
CA GLU A 522 -0.94 5.95 -21.89
C GLU A 522 -1.97 5.01 -22.50
N ASN A 523 -2.38 3.96 -21.77
CA ASN A 523 -3.20 2.88 -22.33
C ASN A 523 -4.33 2.49 -21.40
N PRO A 524 -5.27 3.40 -21.13
CA PRO A 524 -6.26 3.15 -20.07
C PRO A 524 -7.27 2.09 -20.42
N GLN A 525 -7.37 1.72 -21.71
CA GLN A 525 -8.32 0.72 -22.15
C GLN A 525 -8.06 -0.65 -21.54
N TYR A 526 -6.80 -0.97 -21.23
CA TYR A 526 -6.44 -2.28 -20.67
C TYR A 526 -7.03 -2.54 -19.30
N ASP A 527 -7.58 -1.54 -18.63
CA ASP A 527 -8.24 -1.76 -17.35
C ASP A 527 -9.63 -2.36 -17.47
N ARG A 528 -10.30 -2.22 -18.62
CA ARG A 528 -11.47 -3.02 -18.88
C ARG A 528 -11.08 -4.50 -18.90
N PRO A 529 -11.97 -5.40 -18.46
CA PRO A 529 -11.61 -6.82 -18.37
C PRO A 529 -11.31 -7.43 -19.73
N LEU A 530 -10.10 -7.97 -19.86
CA LEU A 530 -9.63 -8.65 -21.07
C LEU A 530 -9.67 -7.73 -22.30
N PHE A 531 -9.51 -6.43 -22.10
CA PHE A 531 -9.55 -5.51 -23.23
C PHE A 531 -8.47 -5.80 -24.25
N GLN A 532 -7.37 -6.42 -23.84
CA GLN A 532 -6.32 -6.77 -24.80
C GLN A 532 -6.72 -7.88 -25.77
N THR A 533 -7.99 -8.32 -25.80
CA THR A 533 -8.36 -9.57 -26.44
C THR A 533 -9.52 -9.44 -27.42
N LEU A 534 -9.90 -8.22 -27.81
CA LEU A 534 -11.29 -7.97 -28.18
C LEU A 534 -11.70 -8.43 -29.59
N PRO A 535 -10.90 -8.21 -30.66
CA PRO A 535 -9.55 -7.66 -30.82
C PRO A 535 -9.34 -6.21 -30.45
N LEU A 536 -8.22 -5.95 -29.78
CA LEU A 536 -7.85 -4.60 -29.36
C LEU A 536 -7.82 -3.61 -30.53
N ASN A 537 -7.20 -4.02 -31.65
CA ASN A 537 -6.97 -3.07 -32.73
C ASN A 537 -8.20 -2.88 -33.63
N THR A 538 -9.05 -3.90 -33.76
CA THR A 538 -10.37 -3.65 -34.34
C THR A 538 -11.15 -2.66 -33.49
N GLN A 539 -11.08 -2.81 -32.17
CA GLN A 539 -11.58 -1.86 -31.20
C GLN A 539 -10.79 -0.55 -31.12
N ALA A 540 -9.72 -0.39 -31.90
CA ALA A 540 -9.07 0.92 -31.93
C ALA A 540 -10.01 2.00 -32.45
N GLU A 541 -10.95 1.63 -33.32
CA GLU A 541 -12.01 2.55 -33.74
C GLU A 541 -12.94 2.93 -32.59
N LEU A 542 -13.33 1.96 -31.76
CA LEU A 542 -14.07 2.24 -30.53
C LEU A 542 -13.24 2.92 -29.45
N ILE A 543 -11.91 2.92 -29.55
CA ILE A 543 -11.10 3.77 -28.68
C ILE A 543 -11.47 5.24 -28.88
N ALA A 544 -11.81 5.63 -30.10
CA ALA A 544 -12.36 6.96 -30.34
C ALA A 544 -13.70 7.16 -29.61
N GLN A 545 -14.54 6.13 -29.55
CA GLN A 545 -15.74 6.20 -28.73
C GLN A 545 -15.43 6.32 -27.25
N TYR A 546 -14.41 5.61 -26.77
CA TYR A 546 -13.97 5.77 -25.38
C TYR A 546 -13.45 7.18 -25.12
N ALA A 547 -12.85 7.82 -26.13
CA ALA A 547 -12.49 9.22 -26.00
C ALA A 547 -13.73 10.11 -26.01
N GLN A 548 -14.77 9.71 -26.74
CA GLN A 548 -16.05 10.40 -26.70
C GLN A 548 -16.79 10.12 -25.40
N LEU A 549 -16.65 8.90 -24.87
CA LEU A 549 -17.01 8.60 -23.49
C LEU A 549 -16.09 9.25 -22.47
N GLY A 550 -14.99 9.86 -22.91
CA GLY A 550 -14.13 10.59 -22.01
C GLY A 550 -14.85 11.75 -21.36
N PRO A 551 -14.97 11.71 -20.03
CA PRO A 551 -15.91 12.58 -19.32
C PRO A 551 -15.74 14.03 -19.68
N PRO A 552 -16.83 14.71 -20.08
CA PRO A 552 -16.88 16.17 -20.02
C PRO A 552 -16.99 16.71 -18.59
N GLY A 553 -16.07 16.31 -17.72
CA GLY A 553 -16.20 16.61 -16.30
C GLY A 553 -17.28 15.78 -15.61
N HIS A 554 -17.59 16.20 -14.38
CA HIS A 554 -18.43 15.40 -13.51
C HIS A 554 -19.88 15.30 -13.97
N LEU A 555 -20.35 16.27 -14.75
CA LEU A 555 -21.73 16.21 -15.24
C LEU A 555 -22.00 14.96 -16.05
N TRP A 556 -20.95 14.32 -16.58
CA TRP A 556 -21.05 12.98 -17.13
C TRP A 556 -21.75 12.03 -16.16
N LEU A 557 -21.38 12.08 -14.88
CA LEU A 557 -21.93 11.15 -13.90
C LEU A 557 -23.43 11.32 -13.72
N SER A 558 -23.97 12.52 -13.99
CA SER A 558 -25.40 12.74 -13.88
C SER A 558 -26.21 11.81 -14.78
N LYS A 559 -25.59 11.25 -15.81
CA LYS A 559 -26.23 10.32 -16.72
C LYS A 559 -25.60 8.93 -16.65
N LEU A 560 -24.90 8.63 -15.56
CA LEU A 560 -23.97 7.51 -15.56
C LEU A 560 -24.63 6.20 -15.98
N LYS A 561 -25.88 5.98 -15.57
CA LYS A 561 -26.61 4.79 -16.03
C LYS A 561 -26.86 4.80 -17.53
N GLU A 562 -27.18 5.98 -18.09
CA GLU A 562 -27.30 6.11 -19.54
C GLU A 562 -25.99 5.86 -20.26
N TRP A 563 -24.89 6.43 -19.75
CA TRP A 563 -23.58 6.18 -20.33
C TRP A 563 -23.17 4.72 -20.21
N ALA A 564 -23.51 4.07 -19.10
CA ALA A 564 -23.25 2.65 -18.95
C ALA A 564 -24.02 1.81 -19.95
N GLN A 565 -25.30 2.14 -20.17
CA GLN A 565 -26.07 1.44 -21.20
C GLN A 565 -25.54 1.71 -22.61
N GLN A 566 -25.14 2.95 -22.89
CA GLN A 566 -24.54 3.26 -24.20
C GLN A 566 -23.23 2.49 -24.42
N ARG A 567 -22.35 2.48 -23.42
CA ARG A 567 -21.15 1.68 -23.53
C ARG A 567 -21.45 0.20 -23.67
N ASP A 568 -22.42 -0.32 -22.93
CA ASP A 568 -22.83 -1.70 -23.15
C ASP A 568 -23.33 -1.95 -24.57
N SER A 569 -24.04 -0.97 -25.14
CA SER A 569 -24.43 -1.04 -26.54
C SER A 569 -23.24 -1.10 -27.49
N LEU A 570 -22.13 -0.47 -27.09
CA LEU A 570 -20.88 -0.63 -27.82
C LEU A 570 -20.27 -2.01 -27.57
N GLU A 571 -20.28 -2.45 -26.31
CA GLU A 571 -19.49 -3.55 -25.77
C GLU A 571 -20.21 -4.90 -25.78
N LEU A 572 -21.53 -4.91 -25.99
CA LEU A 572 -22.26 -6.17 -25.96
C LEU A 572 -21.69 -7.17 -26.95
N GLY A 573 -21.34 -8.35 -26.44
CA GLY A 573 -20.62 -9.36 -27.20
C GLY A 573 -19.16 -9.04 -27.44
N LYS A 574 -18.77 -7.78 -27.25
CA LYS A 574 -17.36 -7.41 -27.43
C LYS A 574 -16.54 -7.52 -26.17
N LEU A 575 -17.13 -7.39 -24.99
CA LEU A 575 -16.40 -7.52 -23.74
C LEU A 575 -17.10 -8.50 -22.79
N PRO A 576 -16.37 -9.01 -21.79
CA PRO A 576 -17.01 -9.86 -20.77
C PRO A 576 -18.15 -9.16 -20.05
N ALA A 577 -19.29 -9.83 -19.97
CA ALA A 577 -20.39 -9.43 -19.11
C ALA A 577 -20.18 -10.07 -17.74
N LEU A 578 -19.88 -9.24 -16.74
CA LEU A 578 -19.58 -9.69 -15.38
C LEU A 578 -20.84 -9.84 -14.53
N ASP A 579 -21.85 -10.50 -15.09
CA ASP A 579 -23.12 -10.72 -14.40
C ASP A 579 -23.55 -12.16 -14.58
N GLY A 580 -24.27 -12.68 -13.60
CA GLY A 580 -24.69 -14.06 -13.62
C GLY A 580 -23.57 -15.07 -13.40
N LEU A 581 -22.32 -14.63 -13.56
CA LEU A 581 -21.19 -15.49 -13.29
C LEU A 581 -21.16 -15.88 -11.81
N PRO A 582 -20.70 -17.09 -11.50
CA PRO A 582 -20.61 -17.50 -10.09
C PRO A 582 -19.61 -16.64 -9.33
N GLU A 583 -19.81 -16.57 -8.02
CA GLU A 583 -19.06 -15.61 -7.22
C GLU A 583 -17.56 -15.94 -7.19
N ALA A 584 -17.19 -17.22 -7.31
CA ALA A 584 -15.79 -17.56 -7.42
C ALA A 584 -15.13 -16.93 -8.65
N THR A 585 -15.81 -16.97 -9.79
CA THR A 585 -15.28 -16.37 -11.02
C THR A 585 -15.26 -14.85 -10.96
N ARG A 586 -16.28 -14.22 -10.39
CA ARG A 586 -16.22 -12.77 -10.29
C ARG A 586 -15.30 -12.28 -9.18
N ALA A 587 -15.03 -13.13 -8.18
CA ALA A 587 -13.95 -12.89 -7.25
C ALA A 587 -12.60 -12.92 -7.95
N LEU A 588 -12.42 -13.89 -8.86
CA LEU A 588 -11.23 -13.86 -9.72
C LEU A 588 -11.18 -12.57 -10.53
N ALA A 589 -12.27 -12.23 -11.21
CA ALA A 589 -12.33 -11.02 -12.03
C ALA A 589 -11.90 -9.78 -11.25
N ASP A 590 -12.48 -9.58 -10.06
CA ASP A 590 -12.11 -8.45 -9.23
C ASP A 590 -10.68 -8.51 -8.74
N SER A 591 -10.19 -9.69 -8.35
CA SER A 591 -8.79 -9.80 -7.94
C SER A 591 -7.84 -9.48 -9.09
N ALA A 592 -8.18 -9.91 -10.29
CA ALA A 592 -7.39 -9.62 -11.48
C ALA A 592 -7.34 -8.12 -11.76
N GLN A 593 -8.50 -7.48 -11.86
CA GLN A 593 -8.51 -6.03 -11.99
C GLN A 593 -7.81 -5.35 -10.83
N ALA A 594 -7.79 -5.97 -9.65
CA ALA A 594 -7.08 -5.43 -8.51
C ALA A 594 -5.56 -5.60 -8.62
N THR A 595 -5.09 -6.50 -9.47
CA THR A 595 -3.64 -6.65 -9.62
C THR A 595 -3.01 -5.38 -10.18
N LEU A 596 -3.64 -4.77 -11.18
CA LEU A 596 -3.26 -3.45 -11.66
C LEU A 596 -3.62 -2.34 -10.67
N ASN A 597 -4.36 -2.64 -9.62
CA ASN A 597 -4.95 -1.59 -8.80
C ASN A 597 -3.99 -0.77 -7.95
N PRO A 598 -2.84 -1.26 -7.47
CA PRO A 598 -1.91 -0.32 -6.81
C PRO A 598 -1.30 0.69 -7.77
N ALA A 599 -1.26 0.40 -9.07
CA ALA A 599 -0.97 1.44 -10.06
C ALA A 599 -2.09 2.48 -10.12
N LEU A 600 -3.34 2.04 -10.21
CA LEU A 600 -4.45 3.00 -10.11
C LEU A 600 -4.44 3.73 -8.78
N THR A 601 -3.95 3.09 -7.73
CA THR A 601 -3.79 3.72 -6.43
C THR A 601 -2.80 4.87 -6.49
N LEU A 602 -1.68 4.66 -7.19
CA LEU A 602 -0.73 5.74 -7.42
C LEU A 602 -1.28 6.82 -8.36
N GLY A 603 -2.11 6.45 -9.33
CA GLY A 603 -2.68 7.44 -10.23
C GLY A 603 -3.73 8.32 -9.58
N ILE A 604 -4.63 7.70 -8.82
CA ILE A 604 -5.48 8.43 -7.89
C ILE A 604 -4.64 9.29 -6.96
N SER A 605 -3.57 8.72 -6.39
CA SER A 605 -2.73 9.47 -5.47
C SER A 605 -2.14 10.72 -6.13
N ARG A 606 -1.58 10.58 -7.33
CA ARG A 606 -1.07 11.73 -8.07
C ARG A 606 -2.16 12.75 -8.45
N THR A 607 -3.39 12.30 -8.71
CA THR A 607 -4.44 13.27 -8.98
C THR A 607 -4.88 13.99 -7.70
N MET A 608 -4.97 13.26 -6.60
CA MET A 608 -5.13 13.89 -5.29
C MET A 608 -3.95 14.78 -4.93
N GLU A 609 -2.76 14.47 -5.46
CA GLU A 609 -1.62 15.37 -5.30
C GLU A 609 -1.86 16.69 -6.04
N GLY A 610 -2.35 16.60 -7.27
CA GLY A 610 -2.73 17.81 -7.99
C GLY A 610 -3.78 18.62 -7.26
N PHE A 611 -4.78 17.94 -6.71
CA PHE A 611 -5.77 18.61 -5.86
C PHE A 611 -5.13 19.26 -4.64
N PHE A 612 -4.41 18.49 -3.82
CA PHE A 612 -3.83 19.02 -2.60
C PHE A 612 -2.80 20.11 -2.87
N LYS A 613 -2.14 20.06 -4.04
CA LYS A 613 -1.36 21.21 -4.50
C LYS A 613 -2.25 22.43 -4.67
N SER A 614 -3.35 22.29 -5.41
CA SER A 614 -4.29 23.39 -5.58
C SER A 614 -4.79 23.92 -4.23
N VAL A 615 -4.98 23.02 -3.28
CA VAL A 615 -5.33 23.38 -1.90
C VAL A 615 -4.23 24.23 -1.27
N GLY A 616 -2.99 23.73 -1.28
CA GLY A 616 -1.89 24.49 -0.69
C GLY A 616 -1.69 25.83 -1.36
N GLN A 617 -1.98 25.90 -2.66
CA GLN A 617 -1.94 27.14 -3.41
C GLN A 617 -3.18 27.99 -3.20
N GLN A 618 -4.21 27.43 -2.57
CA GLN A 618 -5.50 28.10 -2.37
C GLN A 618 -6.14 28.50 -3.70
N GLN A 619 -5.93 27.71 -4.74
CA GLN A 619 -6.48 27.95 -6.06
C GLN A 619 -7.53 26.89 -6.35
N ALA A 620 -8.72 27.33 -6.73
CA ALA A 620 -9.83 26.43 -7.01
C ALA A 620 -9.49 25.51 -8.18
N PRO A 621 -9.50 24.19 -7.99
CA PRO A 621 -9.25 23.28 -9.10
C PRO A 621 -10.47 23.15 -10.00
N ASP A 622 -10.21 23.06 -11.29
CA ASP A 622 -11.24 22.67 -12.25
C ASP A 622 -11.58 21.20 -12.03
N LEU A 623 -12.80 20.94 -11.55
CA LEU A 623 -13.23 19.56 -11.40
C LEU A 623 -13.22 18.81 -12.72
N ASP A 624 -13.52 19.50 -13.82
CA ASP A 624 -13.58 18.84 -15.12
C ASP A 624 -12.20 18.36 -15.54
N ALA A 625 -11.20 19.25 -15.44
CA ALA A 625 -9.80 18.86 -15.54
C ALA A 625 -9.45 17.70 -14.62
N LEU A 626 -9.72 17.81 -13.31
CA LEU A 626 -9.32 16.75 -12.40
C LEU A 626 -9.91 15.41 -12.79
N PHE A 627 -11.21 15.40 -13.10
CA PHE A 627 -11.91 14.17 -13.44
C PHE A 627 -11.39 13.56 -14.75
N ARG A 628 -11.04 14.40 -15.72
CA ARG A 628 -10.38 13.90 -16.92
C ARG A 628 -8.98 13.38 -16.64
N LYS A 629 -8.25 14.04 -15.75
CA LYS A 629 -6.89 13.64 -15.42
C LYS A 629 -6.82 12.38 -14.58
N LEU A 630 -7.85 12.09 -13.76
CA LEU A 630 -7.94 10.79 -13.12
C LEU A 630 -7.71 9.66 -14.12
N PRO A 631 -7.11 8.55 -13.68
CA PRO A 631 -6.90 7.41 -14.58
C PRO A 631 -8.16 6.98 -15.31
N LYS A 632 -8.15 6.98 -16.65
CA LYS A 632 -9.39 6.71 -17.36
C LYS A 632 -9.80 5.25 -17.24
N ALA A 633 -8.98 4.45 -16.55
CA ALA A 633 -9.46 3.25 -15.86
C ALA A 633 -10.69 3.53 -15.00
N LEU A 634 -10.64 4.56 -14.17
CA LEU A 634 -11.71 4.81 -13.20
C LEU A 634 -13.09 4.93 -13.83
N PRO A 635 -13.34 5.82 -14.79
CA PRO A 635 -14.61 5.75 -15.54
C PRO A 635 -14.98 4.35 -16.03
N GLY A 636 -14.01 3.62 -16.58
CA GLY A 636 -14.26 2.27 -17.06
C GLY A 636 -14.70 1.28 -16.01
N ARG A 637 -14.23 1.43 -14.78
CA ARG A 637 -14.74 0.64 -13.67
C ARG A 637 -16.06 1.16 -13.13
N LEU A 638 -16.20 2.48 -13.05
CA LEU A 638 -17.41 3.09 -12.50
C LEU A 638 -18.64 2.79 -13.34
N LEU A 639 -18.49 2.78 -14.68
CA LEU A 639 -19.57 2.32 -15.54
C LEU A 639 -19.93 0.86 -15.33
N ASP A 640 -18.98 0.04 -14.86
CA ASP A 640 -19.30 -1.33 -14.47
C ASP A 640 -20.04 -1.38 -13.14
N ALA A 641 -19.56 -0.63 -12.15
CA ALA A 641 -20.24 -0.49 -10.86
C ALA A 641 -21.67 0.01 -11.02
N ALA A 642 -21.91 0.90 -11.99
CA ALA A 642 -23.25 1.44 -12.22
C ALA A 642 -24.27 0.36 -12.59
N VAL A 643 -23.86 -0.74 -13.20
CA VAL A 643 -24.77 -1.84 -13.50
C VAL A 643 -24.66 -2.96 -12.46
N ARG A 644 -23.46 -3.24 -11.96
CA ARG A 644 -23.29 -4.32 -10.99
C ARG A 644 -23.95 -3.99 -9.66
N GLU A 645 -23.76 -2.77 -9.15
CA GLU A 645 -24.18 -2.41 -7.81
C GLU A 645 -25.53 -1.71 -7.77
N GLY A 646 -26.12 -1.41 -8.93
CA GLY A 646 -27.20 -0.46 -8.99
C GLY A 646 -26.84 0.96 -8.61
N VAL A 647 -25.55 1.25 -8.47
CA VAL A 647 -25.07 2.61 -8.21
C VAL A 647 -25.63 3.55 -9.27
N THR A 648 -26.45 4.50 -8.84
CA THR A 648 -27.18 5.42 -9.71
C THR A 648 -26.90 6.82 -9.17
N PHE A 649 -25.84 7.45 -9.67
CA PHE A 649 -25.52 8.80 -9.23
C PHE A 649 -26.61 9.77 -9.67
N THR A 650 -27.21 10.47 -8.73
CA THR A 650 -27.80 11.77 -8.99
C THR A 650 -26.73 12.84 -8.93
N ILE A 651 -26.96 13.93 -9.65
CA ILE A 651 -26.18 15.14 -9.47
C ILE A 651 -27.00 16.11 -8.63
N ALA A 652 -26.32 16.82 -7.73
CA ALA A 652 -26.95 17.88 -6.97
C ALA A 652 -27.53 18.92 -7.93
N SER A 653 -28.85 19.10 -7.88
CA SER A 653 -29.46 20.15 -8.67
C SER A 653 -28.90 21.51 -8.26
N GLU A 654 -29.15 22.51 -9.11
CA GLU A 654 -28.81 23.88 -8.75
C GLU A 654 -29.49 24.31 -7.47
N ALA A 655 -30.66 23.73 -7.17
CA ALA A 655 -31.28 23.94 -5.87
C ALA A 655 -30.45 23.31 -4.75
N GLU A 656 -30.10 22.04 -4.89
CA GLU A 656 -29.27 21.38 -3.88
C GLU A 656 -27.92 22.04 -3.74
N LYS A 657 -27.25 22.31 -4.88
CA LYS A 657 -25.99 23.04 -4.83
C LYS A 657 -26.11 24.38 -4.12
N ALA A 658 -27.16 25.15 -4.41
CA ALA A 658 -27.34 26.44 -3.74
C ALA A 658 -27.62 26.29 -2.25
N ILE A 659 -28.39 25.27 -1.87
CA ILE A 659 -28.61 24.98 -0.45
C ILE A 659 -27.31 24.63 0.26
N LEU A 660 -26.52 23.73 -0.32
CA LEU A 660 -25.25 23.39 0.32
C LEU A 660 -24.24 24.53 0.27
N GLN A 661 -24.25 25.36 -0.77
CA GLN A 661 -23.39 26.53 -0.78
C GLN A 661 -23.76 27.50 0.35
N ALA A 662 -25.06 27.68 0.60
CA ALA A 662 -25.49 28.49 1.72
C ALA A 662 -25.14 27.86 3.06
N ASP A 663 -25.28 26.54 3.17
CA ASP A 663 -24.90 25.86 4.41
C ASP A 663 -23.38 25.82 4.63
N LEU A 664 -22.58 25.82 3.56
CA LEU A 664 -21.15 26.05 3.69
C LEU A 664 -20.84 27.47 4.14
N LYS A 665 -21.50 28.46 3.54
CA LYS A 665 -21.36 29.84 4.02
C LYS A 665 -21.71 29.93 5.51
N GLU A 666 -22.71 29.18 5.94
CA GLU A 666 -23.01 29.03 7.37
C GLU A 666 -21.87 28.37 8.13
N VAL A 667 -21.47 27.16 7.74
CA VAL A 667 -20.41 26.43 8.44
C VAL A 667 -19.15 27.26 8.59
N LEU A 668 -18.74 27.96 7.53
CA LEU A 668 -17.54 28.79 7.59
C LEU A 668 -17.74 30.07 8.39
N GLU A 669 -18.87 30.75 8.25
CA GLU A 669 -19.08 31.94 9.08
C GLU A 669 -19.22 31.58 10.56
N GLN A 670 -19.80 30.43 10.87
CA GLN A 670 -19.84 29.91 12.23
C GLN A 670 -18.46 29.52 12.76
N ARG A 671 -17.63 28.85 11.95
CA ARG A 671 -16.25 28.59 12.34
C ARG A 671 -15.45 29.87 12.55
N ALA A 672 -15.63 30.88 11.69
CA ALA A 672 -15.00 32.17 11.93
C ALA A 672 -15.49 32.82 13.22
N GLU A 673 -16.79 32.74 13.49
CA GLU A 673 -17.33 33.19 14.78
C GLU A 673 -16.71 32.44 15.95
N LEU A 674 -16.59 31.12 15.83
CA LEU A 674 -15.94 30.31 16.85
C LEU A 674 -14.49 30.71 17.08
N ARG A 675 -13.72 30.91 16.00
CA ARG A 675 -12.35 31.38 16.13
C ARG A 675 -12.27 32.73 16.82
N ARG A 676 -13.12 33.67 16.41
CA ARG A 676 -13.18 34.97 17.06
C ARG A 676 -13.51 34.86 18.54
N LEU A 677 -14.53 34.06 18.87
CA LEU A 677 -14.91 33.81 20.26
C LEU A 677 -13.77 33.18 21.07
N VAL A 678 -13.07 32.21 20.49
CA VAL A 678 -11.92 31.60 21.17
C VAL A 678 -10.82 32.61 21.42
N ARG A 679 -10.49 33.42 20.41
CA ARG A 679 -9.49 34.47 20.60
C ARG A 679 -9.90 35.47 21.68
N GLN A 680 -11.16 35.92 21.65
CA GLN A 680 -11.65 36.80 22.70
C GLN A 680 -11.63 36.15 24.07
N ARG A 681 -12.06 34.89 24.16
CA ARG A 681 -11.99 34.14 25.41
C ARG A 681 -10.57 34.07 25.95
N LYS A 682 -9.60 33.74 25.09
CA LYS A 682 -8.19 33.76 25.48
C LYS A 682 -7.76 35.13 25.98
N GLN A 683 -8.15 36.19 25.27
CA GLN A 683 -7.82 37.55 25.71
C GLN A 683 -8.39 37.86 27.10
N VAL A 684 -9.67 37.53 27.29
CA VAL A 684 -10.30 37.70 28.61
C VAL A 684 -9.57 36.91 29.68
N LYS A 685 -9.26 35.64 29.41
CA LYS A 685 -8.51 34.84 30.36
C LYS A 685 -7.17 35.47 30.69
N SER A 686 -6.52 36.07 29.68
CA SER A 686 -5.25 36.72 29.92
C SER A 686 -5.40 37.95 30.80
N GLN A 687 -6.55 38.65 30.70
CA GLN A 687 -6.74 39.92 31.37
C GLN A 687 -7.70 39.84 32.56
N ALA A 688 -8.57 38.83 32.61
CA ALA A 688 -9.54 38.73 33.69
C ALA A 688 -9.63 37.33 34.29
N GLY A 689 -8.88 36.37 33.76
CA GLY A 689 -8.84 35.03 34.32
C GLY A 689 -10.07 34.21 34.00
N HIS A 690 -9.98 32.92 34.31
CA HIS A 690 -11.07 31.97 34.10
C HIS A 690 -12.21 32.14 35.10
N LYS A 691 -12.01 32.93 36.15
CA LYS A 691 -13.08 33.27 37.08
C LYS A 691 -14.05 34.31 36.53
N SER A 692 -13.69 35.03 35.48
CA SER A 692 -14.53 36.12 34.99
C SER A 692 -15.83 35.58 34.40
N THR A 693 -16.89 36.38 34.55
CA THR A 693 -18.19 36.03 33.98
C THR A 693 -18.23 36.22 32.47
N ASP A 694 -17.46 37.20 31.96
CA ASP A 694 -17.49 37.47 30.52
C ASP A 694 -16.97 36.27 29.73
N ALA A 695 -15.95 35.59 30.25
CA ALA A 695 -15.50 34.35 29.64
C ALA A 695 -16.57 33.26 29.68
N ARG A 696 -17.43 33.27 30.70
CA ARG A 696 -18.53 32.31 30.74
C ARG A 696 -19.65 32.67 29.76
N ALA A 697 -19.89 33.96 29.54
CA ALA A 697 -20.79 34.38 28.46
C ALA A 697 -20.24 33.97 27.09
N LEU A 698 -18.96 34.22 26.86
CA LEU A 698 -18.32 33.73 25.63
C LEU A 698 -18.39 32.22 25.52
N LEU A 699 -18.25 31.50 26.63
CA LEU A 699 -18.41 30.05 26.63
C LEU A 699 -19.83 29.63 26.26
N ALA A 700 -20.84 30.36 26.76
CA ALA A 700 -22.22 30.09 26.35
C ALA A 700 -22.43 30.33 24.86
N ASP A 701 -21.84 31.41 24.33
CA ASP A 701 -21.87 31.63 22.89
C ASP A 701 -21.18 30.49 22.12
N ILE A 702 -20.00 30.09 22.60
CA ILE A 702 -19.29 28.95 22.02
C ILE A 702 -20.17 27.70 22.04
N GLN A 703 -20.88 27.46 23.14
CA GLN A 703 -21.75 26.29 23.23
C GLN A 703 -22.91 26.38 22.25
N ARG A 704 -23.48 27.57 22.09
CA ARG A 704 -24.50 27.80 21.06
C ARG A 704 -23.98 27.45 19.67
N VAL A 705 -22.86 28.05 19.27
CA VAL A 705 -22.32 27.81 17.93
C VAL A 705 -21.86 26.37 17.78
N ARG A 706 -21.35 25.75 18.85
CA ARG A 706 -20.99 24.33 18.81
C ARG A 706 -22.21 23.44 18.58
N LEU A 707 -23.33 23.74 19.23
CA LEU A 707 -24.56 22.98 19.01
C LEU A 707 -25.09 23.18 17.59
N GLN A 708 -25.04 24.41 17.09
CA GLN A 708 -25.41 24.67 15.70
C GLN A 708 -24.52 23.91 14.73
N LEU A 709 -23.20 23.96 14.93
CA LEU A 709 -22.28 23.16 14.14
C LEU A 709 -22.55 21.66 14.26
N ASN A 710 -22.87 21.18 15.46
CA ASN A 710 -23.18 19.76 15.65
C ASN A 710 -24.53 19.37 15.06
N ALA A 711 -25.36 20.33 14.68
CA ALA A 711 -26.52 20.02 13.86
C ALA A 711 -26.24 20.14 12.36
N LEU A 712 -25.53 21.18 11.95
CA LEU A 712 -25.20 21.42 10.55
C LEU A 712 -24.27 20.37 9.97
N GLU A 713 -23.19 20.04 10.68
CA GLU A 713 -22.13 19.18 10.21
C GLU A 713 -22.50 17.70 10.01
N PRO A 714 -23.44 17.13 10.77
CA PRO A 714 -24.05 15.88 10.28
C PRO A 714 -24.65 16.01 8.88
N ARG A 715 -25.35 17.12 8.63
CA ARG A 715 -25.91 17.37 7.30
C ARG A 715 -24.81 17.63 6.26
N LEU A 716 -23.80 18.41 6.62
CA LEU A 716 -22.65 18.59 5.75
C LEU A 716 -21.93 17.28 5.46
N ALA A 717 -21.85 16.40 6.44
CA ALA A 717 -21.19 15.10 6.26
C ALA A 717 -22.01 14.17 5.38
N ALA A 718 -23.34 14.24 5.49
CA ALA A 718 -24.22 13.47 4.61
C ALA A 718 -24.25 14.02 3.19
N ALA A 719 -24.13 15.34 3.04
CA ALA A 719 -23.88 15.92 1.72
C ALA A 719 -22.53 15.48 1.17
N LEU A 720 -21.50 15.49 2.01
CA LEU A 720 -20.20 14.94 1.63
C LEU A 720 -20.22 13.43 1.57
N SER A 721 -21.19 12.78 2.20
CA SER A 721 -21.25 11.32 2.16
C SER A 721 -21.45 10.87 0.72
N PRO A 722 -21.14 9.61 0.42
CA PRO A 722 -21.58 9.03 -0.85
C PRO A 722 -23.08 8.87 -1.00
N ILE A 723 -23.87 8.92 0.07
CA ILE A 723 -25.18 8.31 0.04
C ILE A 723 -26.25 9.32 0.45
N ALA A 724 -27.49 9.02 0.02
CA ALA A 724 -28.64 9.88 0.23
C ALA A 724 -29.03 10.03 1.69
N GLU A 725 -28.56 9.16 2.58
CA GLU A 725 -29.09 9.12 3.95
C GLU A 725 -28.51 10.28 4.75
N LEU A 726 -29.13 11.44 4.58
CA LEU A 726 -29.15 12.45 5.62
C LEU A 726 -29.91 11.91 6.84
N PRO A 727 -29.62 12.44 8.02
CA PRO A 727 -30.53 12.20 9.15
C PRO A 727 -31.82 13.00 9.03
N ASP A 728 -32.58 12.73 7.97
CA ASP A 728 -33.79 13.50 7.67
C ASP A 728 -34.90 12.56 7.21
N THR A 737 -35.34 19.94 4.14
CA THR A 737 -34.98 19.43 2.82
C THR A 737 -33.50 19.06 2.77
N PRO A 738 -33.14 18.09 1.92
CA PRO A 738 -31.77 17.58 1.93
C PRO A 738 -30.81 18.53 1.24
N GLY A 739 -29.63 18.66 1.80
CA GLY A 739 -28.53 19.38 1.17
C GLY A 739 -27.55 18.42 0.51
N ARG A 740 -27.05 18.82 -0.65
CA ARG A 740 -26.05 18.03 -1.37
C ARG A 740 -25.22 18.96 -2.23
N ALA A 741 -24.00 18.52 -2.52
CA ALA A 741 -23.17 19.11 -3.57
C ALA A 741 -22.51 18.00 -4.37
N GLY A 742 -22.11 18.33 -5.59
CA GLY A 742 -21.60 17.31 -6.48
C GLY A 742 -22.59 16.23 -6.79
N ILE A 743 -22.34 15.02 -6.28
CA ILE A 743 -23.06 13.82 -6.67
C ILE A 743 -23.34 13.00 -5.42
N THR A 744 -24.24 12.03 -5.56
CA THR A 744 -24.58 11.13 -4.46
C THR A 744 -25.10 9.81 -5.01
N LEU A 745 -24.76 8.72 -4.33
CA LEU A 745 -25.25 7.40 -4.70
C LEU A 745 -26.70 7.21 -4.27
N ILE A 746 -27.54 6.78 -5.21
CA ILE A 746 -28.73 6.02 -4.87
C ILE A 746 -28.37 4.53 -4.95
N LEU A 747 -28.86 3.75 -4.01
CA LEU A 747 -28.50 2.35 -3.89
C LEU A 747 -29.74 1.53 -3.57
N PRO A 748 -29.72 0.22 -3.86
CA PRO A 748 -30.76 -0.65 -3.34
C PRO A 748 -30.74 -0.67 -1.81
N SER A 749 -31.95 -0.67 -1.23
CA SER A 749 -32.10 -0.29 0.17
C SER A 749 -31.29 -1.16 1.11
N ALA A 750 -31.08 -2.43 0.76
CA ALA A 750 -30.21 -3.29 1.57
C ALA A 750 -28.77 -2.78 1.57
N GLN A 751 -28.20 -2.60 0.37
CA GLN A 751 -26.86 -2.02 0.26
C GLN A 751 -26.80 -0.63 0.85
N LEU A 752 -27.83 0.18 0.63
CA LEU A 752 -27.83 1.54 1.19
C LEU A 752 -27.77 1.50 2.70
N GLN A 753 -28.62 0.70 3.33
CA GLN A 753 -28.69 0.64 4.79
C GLN A 753 -27.41 0.07 5.38
N GLU A 754 -26.82 -0.93 4.73
CA GLU A 754 -25.54 -1.48 5.18
C GLU A 754 -24.41 -0.47 5.06
N VAL A 755 -24.33 0.26 3.94
CA VAL A 755 -23.30 1.28 3.76
C VAL A 755 -23.51 2.43 4.74
N ALA A 756 -24.76 2.80 5.01
CA ALA A 756 -25.04 3.88 5.95
C ALA A 756 -24.64 3.51 7.37
N SER A 757 -25.08 2.35 7.85
CA SER A 757 -24.68 1.90 9.19
C SER A 757 -23.17 1.68 9.30
N GLY A 758 -22.55 1.14 8.25
CA GLY A 758 -21.09 1.00 8.25
C GLY A 758 -20.34 2.31 8.31
N ILE A 759 -20.71 3.28 7.47
CA ILE A 759 -20.11 4.60 7.54
C ILE A 759 -20.36 5.27 8.89
N ARG A 760 -21.57 5.13 9.43
CA ARG A 760 -21.86 5.70 10.74
C ARG A 760 -20.98 5.10 11.84
N ASN A 761 -20.79 3.79 11.81
CA ASN A 761 -19.85 3.14 12.73
C ASN A 761 -18.42 3.63 12.53
N LEU A 762 -17.93 3.60 11.29
CA LEU A 762 -16.57 4.07 11.02
C LEU A 762 -16.36 5.50 11.51
N ARG A 763 -17.26 6.42 11.15
CA ARG A 763 -17.13 7.79 11.64
C ARG A 763 -17.25 7.87 13.15
N ASN A 764 -17.93 6.92 13.79
CA ASN A 764 -18.01 6.89 15.25
C ASN A 764 -17.00 5.95 15.88
N GLY A 765 -16.03 5.45 15.12
CA GLY A 765 -14.92 4.70 15.64
C GLY A 765 -15.03 3.20 15.49
N TYR A 766 -16.26 2.68 15.42
CA TYR A 766 -16.50 1.24 15.48
C TYR A 766 -16.02 0.57 14.19
N SER A 767 -14.70 0.40 14.10
CA SER A 767 -14.09 -0.08 12.86
C SER A 767 -14.41 -1.55 12.65
N SER A 768 -14.32 -2.36 13.69
CA SER A 768 -15.06 -3.62 13.79
C SER A 768 -16.53 -3.37 14.08
N ALA A 769 -17.37 -4.31 13.63
CA ALA A 769 -18.82 -4.19 13.57
C ALA A 769 -19.29 -3.17 12.55
N ALA A 770 -18.37 -2.39 11.99
CA ALA A 770 -18.59 -1.82 10.66
C ALA A 770 -18.41 -2.89 9.59
N ALA A 771 -19.25 -3.93 9.64
CA ALA A 771 -19.28 -4.93 8.60
C ALA A 771 -19.95 -4.40 7.33
N PHE A 772 -19.55 -4.98 6.20
CA PHE A 772 -20.04 -4.59 4.88
C PHE A 772 -20.30 -5.87 4.09
N ASN A 773 -21.15 -6.74 4.65
CA ASN A 773 -21.23 -8.13 4.20
C ASN A 773 -21.64 -8.24 2.74
N LYS A 774 -22.58 -7.41 2.28
CA LYS A 774 -23.15 -7.54 0.95
C LYS A 774 -22.70 -6.45 0.00
N VAL A 775 -21.65 -5.71 0.34
CA VAL A 775 -21.25 -4.51 -0.36
C VAL A 775 -19.98 -4.83 -1.15
N GLY A 776 -19.98 -4.52 -2.44
CA GLY A 776 -18.88 -4.86 -3.32
C GLY A 776 -17.89 -3.72 -3.55
N ASP A 777 -16.79 -4.08 -4.21
CA ASP A 777 -15.80 -3.09 -4.64
C ASP A 777 -16.40 -2.01 -5.54
N GLY A 778 -17.49 -2.33 -6.24
CA GLY A 778 -18.14 -1.32 -7.06
C GLY A 778 -18.68 -0.16 -6.26
N ILE A 779 -19.39 -0.47 -5.17
CA ILE A 779 -19.78 0.58 -4.21
C ILE A 779 -18.56 1.21 -3.55
N GLY A 780 -17.47 0.46 -3.41
CA GLY A 780 -16.21 1.05 -3.01
C GLY A 780 -15.78 2.21 -3.88
N LEU A 781 -15.60 1.94 -5.17
CA LEU A 781 -15.21 2.98 -6.12
C LEU A 781 -16.23 4.10 -6.16
N ALA A 782 -17.52 3.75 -6.23
CA ALA A 782 -18.55 4.78 -6.32
C ALA A 782 -18.53 5.71 -5.11
N VAL A 783 -18.39 5.16 -3.90
CA VAL A 783 -18.22 5.97 -2.69
C VAL A 783 -16.98 6.85 -2.78
N PHE A 784 -15.88 6.29 -3.29
CA PHE A 784 -14.67 7.09 -3.45
C PHE A 784 -14.90 8.27 -4.38
N VAL A 785 -15.34 8.02 -5.61
CA VAL A 785 -15.47 9.13 -6.56
C VAL A 785 -16.59 10.08 -6.16
N ALA A 786 -17.64 9.59 -5.48
CA ALA A 786 -18.62 10.49 -4.90
C ALA A 786 -18.00 11.44 -3.88
N GLN A 787 -16.99 10.99 -3.14
CA GLN A 787 -16.32 11.92 -2.26
C GLN A 787 -15.25 12.75 -2.94
N PHE A 788 -14.59 12.22 -3.97
CA PHE A 788 -13.72 13.05 -4.77
C PHE A 788 -14.49 14.25 -5.34
N VAL A 789 -15.61 13.97 -6.00
CA VAL A 789 -16.46 15.01 -6.57
C VAL A 789 -17.00 15.95 -5.50
N ASN A 790 -17.50 15.41 -4.39
CA ASN A 790 -18.06 16.31 -3.38
C ASN A 790 -17.00 17.08 -2.60
N MET A 791 -15.79 16.52 -2.48
CA MET A 791 -14.65 17.25 -1.92
C MET A 791 -14.24 18.41 -2.81
N VAL A 792 -14.05 18.14 -4.10
CA VAL A 792 -13.71 19.20 -5.05
C VAL A 792 -14.79 20.27 -5.07
N GLN A 793 -16.06 19.87 -5.18
CA GLN A 793 -17.15 20.84 -5.26
C GLN A 793 -17.32 21.65 -3.99
N VAL A 794 -17.20 21.03 -2.82
CA VAL A 794 -17.21 21.79 -1.57
C VAL A 794 -16.03 22.74 -1.47
N TRP A 795 -14.85 22.30 -1.88
CA TRP A 795 -13.68 23.17 -1.74
C TRP A 795 -13.72 24.33 -2.74
N ARG A 796 -14.20 24.08 -3.96
CA ARG A 796 -14.56 25.15 -4.88
C ARG A 796 -15.60 26.10 -4.28
N GLY A 797 -16.59 25.57 -3.58
CA GLY A 797 -17.54 26.43 -2.88
C GLY A 797 -16.90 27.29 -1.80
N VAL A 798 -15.98 26.71 -1.06
CA VAL A 798 -15.19 27.47 -0.07
C VAL A 798 -14.38 28.57 -0.74
N ILE A 799 -13.69 28.26 -1.83
CA ILE A 799 -12.96 29.30 -2.56
C ILE A 799 -13.92 30.34 -3.12
N ALA A 800 -15.13 29.93 -3.52
CA ALA A 800 -16.16 30.89 -3.87
C ALA A 800 -16.58 31.76 -2.68
N THR A 801 -16.36 31.27 -1.46
CA THR A 801 -16.47 32.14 -0.29
C THR A 801 -15.19 32.91 -0.01
N SER A 802 -14.04 32.42 -0.47
CA SER A 802 -12.75 33.06 -0.28
C SER A 802 -12.51 33.50 1.17
N PRO A 803 -12.50 32.56 2.12
CA PRO A 803 -12.52 32.95 3.54
C PRO A 803 -11.16 33.34 4.07
N ASP A 804 -11.06 33.49 5.39
CA ASP A 804 -9.77 33.61 6.06
C ASP A 804 -8.89 32.38 5.79
N LYS A 805 -7.70 32.64 5.25
CA LYS A 805 -6.76 31.57 4.94
C LYS A 805 -6.34 30.80 6.18
N ARG A 806 -6.41 31.46 7.34
CA ARG A 806 -6.11 30.79 8.61
C ARG A 806 -7.19 29.77 8.97
N GLU A 807 -8.43 29.99 8.53
CA GLU A 807 -9.50 29.02 8.73
C GLU A 807 -9.56 27.99 7.62
N LEU A 808 -9.02 28.31 6.44
CA LEU A 808 -8.92 27.32 5.37
C LEU A 808 -8.28 26.03 5.85
N MET A 809 -7.16 26.12 6.58
CA MET A 809 -6.42 24.90 6.93
C MET A 809 -7.17 24.01 7.91
N PRO A 810 -7.71 24.51 9.03
CA PRO A 810 -8.59 23.63 9.83
C PRO A 810 -9.81 23.14 9.06
N LEU A 811 -10.47 24.01 8.30
CA LEU A 811 -11.68 23.62 7.58
C LEU A 811 -11.38 22.55 6.54
N ALA A 812 -10.35 22.79 5.73
CA ALA A 812 -9.89 21.79 4.77
C ALA A 812 -9.50 20.49 5.47
N GLY A 813 -8.71 20.59 6.55
CA GLY A 813 -8.40 19.41 7.34
C GLY A 813 -9.61 18.60 7.78
N SER A 814 -10.62 19.27 8.32
CA SER A 814 -11.81 18.58 8.81
C SER A 814 -12.66 17.97 7.69
N ILE A 815 -12.87 18.73 6.61
CA ILE A 815 -13.45 18.16 5.40
C ILE A 815 -12.68 16.92 4.95
N PHE A 816 -11.36 17.03 4.87
CA PHE A 816 -10.52 15.88 4.54
C PHE A 816 -10.62 14.76 5.56
N THR A 817 -10.93 15.05 6.82
CA THR A 817 -11.25 13.95 7.75
C THR A 817 -12.52 13.22 7.34
N THR A 818 -13.58 13.95 7.00
CA THR A 818 -14.84 13.29 6.70
C THR A 818 -14.80 12.58 5.33
N ILE A 819 -14.12 13.22 4.37
CA ILE A 819 -13.73 12.55 3.14
C ILE A 819 -12.90 11.31 3.44
N SER A 820 -11.90 11.43 4.32
CA SER A 820 -11.04 10.30 4.61
C SER A 820 -11.82 9.18 5.28
N ALA A 821 -12.87 9.54 6.02
CA ALA A 821 -13.69 8.55 6.71
C ALA A 821 -14.59 7.79 5.76
N GLY A 822 -15.14 8.45 4.73
CA GLY A 822 -15.83 7.69 3.72
C GLY A 822 -14.93 7.04 2.67
N VAL A 823 -13.77 7.64 2.39
CA VAL A 823 -12.70 6.95 1.67
C VAL A 823 -12.29 5.68 2.40
N ALA A 824 -12.18 5.76 3.72
CA ALA A 824 -11.93 4.61 4.58
C ALA A 824 -13.10 3.64 4.56
N ALA A 825 -14.32 4.13 4.35
CA ALA A 825 -15.42 3.21 4.12
C ALA A 825 -15.25 2.49 2.78
N ALA A 826 -14.82 3.22 1.76
CA ALA A 826 -14.52 2.60 0.46
C ALA A 826 -13.40 1.56 0.59
N GLN A 827 -12.38 1.88 1.38
CA GLN A 827 -11.28 0.97 1.67
C GLN A 827 -11.74 -0.23 2.49
N ALA A 828 -12.58 -0.04 3.49
CA ALA A 828 -13.02 -1.13 4.35
C ALA A 828 -14.06 -2.00 3.65
N ILE A 829 -14.86 -1.41 2.76
CA ILE A 829 -15.65 -2.17 1.80
C ILE A 829 -14.74 -3.00 0.90
N ALA A 830 -13.64 -2.40 0.42
CA ALA A 830 -12.72 -3.13 -0.42
C ALA A 830 -12.04 -4.28 0.31
N ASP A 831 -11.60 -4.05 1.54
CA ASP A 831 -10.95 -5.09 2.34
C ASP A 831 -11.93 -6.16 2.79
N THR A 832 -13.16 -5.79 3.15
CA THR A 832 -14.18 -6.80 3.44
C THR A 832 -14.59 -7.59 2.21
N ALA A 833 -14.73 -6.94 1.06
CA ALA A 833 -15.01 -7.68 -0.16
C ALA A 833 -13.83 -8.58 -0.54
N LEU A 834 -12.61 -8.10 -0.31
CA LEU A 834 -11.40 -8.90 -0.54
C LEU A 834 -11.38 -10.15 0.33
N GLN A 835 -11.63 -10.00 1.63
CA GLN A 835 -11.56 -11.13 2.54
C GLN A 835 -12.77 -12.07 2.40
N ALA A 836 -13.97 -11.52 2.23
CA ALA A 836 -15.16 -12.34 1.96
C ALA A 836 -15.06 -13.08 0.64
N ARG A 837 -14.48 -12.46 -0.39
CA ARG A 837 -14.17 -13.19 -1.61
C ARG A 837 -12.94 -14.08 -1.50
N SER A 838 -12.10 -13.91 -0.49
CA SER A 838 -10.83 -14.63 -0.45
C SER A 838 -11.03 -16.15 -0.44
N VAL A 839 -12.05 -16.62 0.27
CA VAL A 839 -12.41 -18.04 0.24
C VAL A 839 -12.88 -18.47 -1.16
N GLN A 840 -13.69 -17.65 -1.81
CA GLN A 840 -14.15 -17.96 -3.16
C GLN A 840 -13.00 -17.91 -4.16
N LEU A 841 -12.05 -17.00 -3.96
CA LEU A 841 -10.87 -16.89 -4.80
C LEU A 841 -9.97 -18.10 -4.66
N ALA A 842 -9.63 -18.46 -3.42
CA ALA A 842 -8.89 -19.70 -3.18
C ALA A 842 -9.62 -20.93 -3.75
N GLN A 843 -10.94 -20.98 -3.63
CA GLN A 843 -11.70 -22.09 -4.20
C GLN A 843 -11.62 -22.11 -5.73
N GLY A 844 -11.79 -20.96 -6.36
CA GLY A 844 -11.63 -20.88 -7.81
C GLY A 844 -10.25 -21.28 -8.29
N LEU A 845 -9.22 -20.77 -7.60
CA LEU A 845 -7.84 -21.15 -7.90
C LEU A 845 -7.62 -22.65 -7.78
N GLN A 846 -8.06 -23.24 -6.68
CA GLN A 846 -7.85 -24.68 -6.48
C GLN A 846 -8.69 -25.53 -7.43
N ASN A 847 -9.88 -25.06 -7.81
CA ASN A 847 -10.69 -25.81 -8.77
C ASN A 847 -10.11 -25.73 -10.18
N HIS A 848 -9.80 -24.52 -10.65
CA HIS A 848 -9.70 -24.33 -12.09
C HIS A 848 -8.79 -23.16 -12.47
N ALA A 849 -7.81 -22.85 -11.64
CA ALA A 849 -6.60 -22.19 -12.13
C ALA A 849 -5.65 -23.20 -12.76
N VAL A 850 -4.74 -22.69 -13.58
CA VAL A 850 -3.96 -23.54 -14.47
C VAL A 850 -3.06 -24.47 -13.67
N GLU A 851 -2.92 -25.70 -14.14
CA GLU A 851 -2.00 -26.66 -13.52
C GLU A 851 -0.56 -26.17 -13.54
N VAL A 852 -0.22 -25.25 -14.45
CA VAL A 852 1.17 -24.83 -14.66
C VAL A 852 1.77 -24.10 -13.47
N ALA A 853 0.96 -23.65 -12.52
CA ALA A 853 1.51 -23.16 -11.27
C ALA A 853 0.53 -23.43 -10.14
N HIS A 854 1.07 -23.51 -8.92
CA HIS A 854 0.22 -23.54 -7.74
C HIS A 854 -0.51 -22.22 -7.52
N VAL A 855 -0.06 -21.14 -8.16
CA VAL A 855 -0.83 -19.93 -8.43
C VAL A 855 -1.48 -19.42 -7.14
N GLN A 856 -0.78 -19.59 -6.02
CA GLN A 856 -1.36 -19.29 -4.71
C GLN A 856 -1.77 -17.82 -4.62
N MET A 857 -2.77 -17.57 -3.78
CA MET A 857 -3.09 -16.20 -3.39
C MET A 857 -1.85 -15.50 -2.87
N GLY A 858 -1.53 -14.36 -3.47
CA GLY A 858 -0.21 -13.77 -3.26
C GLY A 858 0.07 -13.46 -1.81
N LYS A 859 1.35 -13.57 -1.45
CA LYS A 859 1.78 -13.26 -0.09
C LYS A 859 1.43 -11.84 0.33
N LEU A 860 1.33 -10.92 -0.63
CA LEU A 860 0.96 -9.54 -0.37
C LEU A 860 -0.47 -9.21 -0.76
N HIS A 861 -1.28 -10.22 -1.11
CA HIS A 861 -2.63 -9.95 -1.61
C HIS A 861 -3.45 -9.12 -0.62
N LEU A 862 -3.37 -9.44 0.67
CA LEU A 862 -4.05 -8.65 1.69
C LEU A 862 -3.42 -7.28 1.92
N ARG A 863 -2.38 -6.93 1.17
CA ARG A 863 -1.81 -5.58 1.18
C ARG A 863 -1.90 -4.87 -0.15
N LEU A 864 -2.15 -5.58 -1.25
CA LEU A 864 -2.18 -4.99 -2.57
C LEU A 864 -3.44 -5.31 -3.36
N GLY A 865 -4.28 -6.22 -2.90
CA GLY A 865 -5.52 -6.52 -3.59
C GLY A 865 -6.71 -5.66 -3.23
N PHE A 866 -6.69 -5.01 -2.07
CA PHE A 866 -7.71 -3.99 -1.81
C PHE A 866 -7.50 -2.83 -2.77
N VAL A 867 -8.59 -2.23 -3.23
CA VAL A 867 -8.49 -1.21 -4.27
C VAL A 867 -7.96 0.13 -3.78
N GLY A 868 -7.44 0.19 -2.55
CA GLY A 868 -6.40 1.16 -2.22
C GLY A 868 -6.82 2.59 -1.95
N TYR A 869 -8.12 2.92 -1.98
CA TYR A 869 -8.50 4.34 -1.93
C TYR A 869 -7.96 5.06 -0.70
N ALA A 870 -7.95 4.41 0.47
CA ALA A 870 -7.39 5.08 1.63
C ALA A 870 -5.87 5.08 1.62
N ALA A 871 -5.26 4.04 1.06
CA ALA A 871 -3.81 4.04 0.86
C ALA A 871 -3.39 5.15 -0.10
N GLY A 872 -4.07 5.25 -1.24
CA GLY A 872 -3.72 6.26 -2.21
C GLY A 872 -4.04 7.67 -1.76
N PHE A 873 -5.16 7.85 -1.07
CA PHE A 873 -5.47 9.13 -0.43
C PHE A 873 -4.39 9.55 0.55
N PHE A 874 -4.02 8.67 1.49
CA PHE A 874 -2.99 9.05 2.45
C PHE A 874 -1.63 9.25 1.77
N ALA A 875 -1.29 8.41 0.80
CA ALA A 875 -0.03 8.57 0.09
C ALA A 875 0.03 9.90 -0.66
N ALA A 876 -1.13 10.41 -1.09
CA ALA A 876 -1.17 11.74 -1.67
C ALA A 876 -1.04 12.82 -0.61
N ALA A 877 -1.70 12.63 0.53
CA ALA A 877 -1.65 13.63 1.59
C ALA A 877 -0.25 13.81 2.17
N VAL A 878 0.58 12.77 2.13
CA VAL A 878 1.96 12.87 2.60
C VAL A 878 2.95 12.54 1.50
N ALA A 879 2.55 12.77 0.25
CA ALA A 879 3.42 12.52 -0.90
C ALA A 879 4.80 13.15 -0.75
N THR A 880 4.86 14.34 -0.15
CA THR A 880 6.12 15.02 0.08
C THR A 880 6.92 14.44 1.24
N GLN A 881 6.28 13.77 2.19
CA GLN A 881 6.94 13.45 3.46
C GLN A 881 7.65 12.10 3.31
N THR A 882 8.79 12.15 2.62
CA THR A 882 9.48 10.95 2.16
C THR A 882 10.13 10.15 3.29
N HIS A 883 10.55 10.83 4.36
CA HIS A 883 11.43 10.23 5.38
C HIS A 883 10.94 8.89 5.91
N TYR A 884 9.64 8.78 6.20
CA TYR A 884 9.09 7.52 6.69
C TYR A 884 9.29 6.39 5.69
N GLY A 885 8.94 6.63 4.42
CA GLY A 885 9.18 5.64 3.40
C GLY A 885 10.64 5.38 3.12
N GLU A 886 11.48 6.40 3.26
CA GLU A 886 12.93 6.24 3.08
C GLU A 886 13.52 5.29 4.12
N TRP A 887 13.19 5.52 5.40
CA TRP A 887 13.70 4.64 6.44
C TRP A 887 13.10 3.25 6.36
N LEU A 888 11.78 3.13 6.24
CA LEU A 888 11.22 1.78 6.21
C LEU A 888 11.62 1.01 4.96
N GLY A 889 11.81 1.70 3.84
CA GLY A 889 12.42 1.08 2.68
C GLY A 889 13.84 0.61 2.90
N ALA A 890 14.66 1.45 3.53
CA ALA A 890 16.04 1.03 3.81
C ALA A 890 16.12 -0.11 4.82
N ILE A 891 15.23 -0.11 5.82
CA ILE A 891 15.15 -1.23 6.77
C ILE A 891 14.75 -2.53 6.06
N ARG A 892 13.70 -2.47 5.26
CA ARG A 892 13.31 -3.64 4.48
C ARG A 892 14.41 -4.00 3.48
N SER A 893 15.20 -3.01 3.08
CA SER A 893 16.44 -3.22 2.35
C SER A 893 17.53 -3.83 3.22
N GLY A 894 17.51 -3.59 4.53
CA GLY A 894 18.68 -3.89 5.33
C GLY A 894 19.92 -3.08 4.99
N ASN A 895 19.80 -2.14 4.06
CA ASN A 895 20.96 -1.41 3.54
C ASN A 895 21.41 -0.42 4.60
N ALA A 896 22.57 -0.70 5.21
CA ALA A 896 23.03 0.02 6.38
C ALA A 896 23.27 1.50 6.10
N GLN A 897 23.95 1.82 5.01
CA GLN A 897 24.20 3.22 4.70
C GLN A 897 22.96 3.94 4.18
N ALA A 898 22.07 3.23 3.49
CA ALA A 898 20.77 3.80 3.13
C ALA A 898 19.94 4.09 4.38
N GLN A 899 19.93 3.15 5.33
CA GLN A 899 19.25 3.37 6.60
C GLN A 899 19.85 4.55 7.36
N GLN A 900 21.18 4.62 7.44
CA GLN A 900 21.83 5.75 8.11
C GLN A 900 21.49 7.08 7.44
N GLY A 901 21.51 7.13 6.12
CA GLY A 901 21.07 8.32 5.40
C GLY A 901 19.63 8.71 5.70
N ALA A 902 18.71 7.76 5.56
CA ALA A 902 17.30 8.03 5.86
C ALA A 902 17.12 8.53 7.29
N ALA A 903 17.78 7.88 8.25
CA ALA A 903 17.67 8.28 9.65
C ALA A 903 18.19 9.68 9.90
N LEU A 904 19.39 9.99 9.41
CA LEU A 904 19.95 11.31 9.68
C LEU A 904 19.24 12.41 8.90
N ALA A 905 18.76 12.13 7.69
CA ALA A 905 17.92 13.10 6.97
C ALA A 905 16.60 13.34 7.71
N MET A 906 16.01 12.29 8.27
CA MET A 906 14.84 12.46 9.14
C MET A 906 15.16 13.34 10.34
N VAL A 907 16.27 13.06 11.02
CA VAL A 907 16.64 13.88 12.17
C VAL A 907 16.91 15.32 11.75
N GLY A 908 17.52 15.51 10.58
CA GLY A 908 17.83 16.84 10.11
C GLY A 908 16.68 17.65 9.52
N GLY A 924 -8.01 8.34 13.26
CA GLY A 924 -7.42 7.01 13.17
C GLY A 924 -8.41 5.98 12.66
N TYR A 925 -9.61 5.95 13.24
CA TYR A 925 -10.65 5.03 12.81
C TYR A 925 -10.97 5.14 11.32
N ALA A 926 -10.63 6.27 10.69
CA ALA A 926 -10.63 6.31 9.23
C ALA A 926 -9.38 5.67 8.65
N LEU A 927 -8.21 6.23 8.94
CA LEU A 927 -6.98 5.76 8.29
C LEU A 927 -6.33 4.65 9.13
N LYS A 928 -5.76 5.03 10.28
CA LYS A 928 -5.08 4.07 11.15
C LYS A 928 -5.87 2.78 11.35
N GLY A 929 -7.14 2.90 11.74
CA GLY A 929 -7.93 1.72 12.10
C GLY A 929 -8.30 0.82 10.94
N VAL A 930 -8.25 1.31 9.71
CA VAL A 930 -8.55 0.48 8.56
C VAL A 930 -7.30 -0.02 7.83
N LEU A 931 -6.18 0.68 7.98
CA LEU A 931 -4.92 0.24 7.39
C LEU A 931 -4.11 -0.67 8.32
N ARG A 932 -4.27 -0.54 9.63
CA ARG A 932 -3.71 -1.50 10.56
C ARG A 932 -4.53 -2.78 10.56
N ALA A 933 -3.86 -3.91 10.78
CA ALA A 933 -4.50 -5.21 10.78
C ALA A 933 -3.70 -6.16 11.67
N ALA A 934 -4.31 -7.32 11.94
CA ALA A 934 -3.69 -8.34 12.78
C ALA A 934 -2.33 -8.76 12.24
N THR A 935 -1.29 -8.49 13.03
CA THR A 935 0.08 -8.28 12.54
C THR A 935 0.75 -9.49 11.88
N PRO A 936 0.48 -10.74 12.31
CA PRO A 936 1.12 -11.87 11.61
C PRO A 936 0.86 -11.89 10.12
N ALA A 937 -0.36 -11.58 9.71
CA ALA A 937 -0.74 -11.52 8.31
C ALA A 937 -0.34 -10.21 7.64
N ALA A 938 0.10 -9.21 8.41
CA ALA A 938 0.00 -7.82 8.01
C ALA A 938 1.28 -7.01 8.22
N GLU A 939 2.27 -7.52 8.94
CA GLU A 939 3.61 -6.94 8.89
C GLU A 939 4.62 -7.80 8.14
N ARG A 940 4.74 -9.09 8.49
CA ARG A 940 5.73 -9.93 7.85
C ARG A 940 5.48 -10.10 6.35
N THR A 941 4.24 -9.92 5.91
CA THR A 941 3.97 -9.80 4.48
C THR A 941 4.41 -8.44 3.93
N ALA A 942 4.02 -7.36 4.61
CA ALA A 942 4.31 -6.00 4.14
C ALA A 942 5.79 -5.68 4.03
N TRP A 943 6.67 -6.49 4.63
CA TRP A 943 8.11 -6.26 4.48
C TRP A 943 8.61 -6.45 3.05
N ALA A 944 7.87 -7.14 2.20
CA ALA A 944 8.24 -7.18 0.78
C ALA A 944 7.89 -5.92 0.02
N LEU A 945 7.13 -5.00 0.61
CA LEU A 945 6.84 -3.74 -0.06
C LEU A 945 8.03 -2.81 0.04
N ALA A 946 8.24 -2.04 -1.03
CA ALA A 946 9.35 -1.10 -1.10
C ALA A 946 8.90 0.19 -1.78
N GLY A 947 9.82 1.12 -1.90
CA GLY A 947 9.55 2.44 -2.40
C GLY A 947 8.90 3.35 -1.38
N THR A 948 9.06 4.66 -1.60
CA THR A 948 8.78 5.66 -0.58
C THR A 948 7.31 5.69 -0.18
N ARG A 949 6.40 5.71 -1.16
CA ARG A 949 4.98 5.91 -0.86
C ARG A 949 4.32 4.69 -0.23
N LEU A 950 4.55 3.50 -0.80
CA LEU A 950 4.03 2.27 -0.20
C LEU A 950 4.59 2.01 1.18
N SER A 951 5.91 2.11 1.34
CA SER A 951 6.46 1.90 2.67
C SER A 951 6.09 3.01 3.63
N SER A 952 5.94 4.25 3.16
CA SER A 952 5.54 5.36 4.03
C SER A 952 4.13 5.19 4.57
N ILE A 953 3.24 4.57 3.79
CA ILE A 953 1.88 4.32 4.30
C ILE A 953 1.93 3.48 5.58
N PHE A 954 2.54 2.30 5.49
CA PHE A 954 2.62 1.39 6.63
C PHE A 954 3.57 1.90 7.71
N ALA A 955 4.56 2.70 7.32
CA ALA A 955 5.37 3.40 8.32
C ALA A 955 4.53 4.35 9.16
N ARG A 956 3.52 4.98 8.56
CA ARG A 956 2.77 5.93 9.35
C ARG A 956 1.77 5.25 10.28
N PHE A 957 1.49 3.95 10.07
CA PHE A 957 0.34 3.28 10.70
C PHE A 957 0.64 1.93 11.34
N ASN A 958 1.54 1.13 10.78
CA ASN A 958 1.70 -0.24 11.26
C ASN A 958 2.80 -0.33 12.33
N ILE A 959 2.98 -1.53 12.90
CA ILE A 959 3.77 -1.68 14.12
C ILE A 959 5.25 -1.37 13.88
N ALA A 960 5.80 -1.77 12.73
CA ALA A 960 7.15 -1.30 12.41
C ALA A 960 7.11 0.20 12.18
N GLY A 961 6.04 0.67 11.57
CA GLY A 961 5.83 2.09 11.45
C GLY A 961 5.78 2.78 12.80
N ALA A 962 5.07 2.18 13.75
CA ALA A 962 5.03 2.69 15.12
C ALA A 962 6.43 2.77 15.74
N ILE A 963 7.28 1.78 15.47
CA ILE A 963 8.67 1.89 15.92
C ILE A 963 9.39 3.04 15.23
N PHE A 964 9.08 3.31 13.96
CA PHE A 964 9.61 4.55 13.39
C PHE A 964 9.03 5.81 14.04
N THR A 965 7.76 5.80 14.41
CA THR A 965 7.22 6.92 15.17
C THR A 965 7.93 7.09 16.51
N ALA A 966 8.46 5.99 17.03
CA ALA A 966 9.34 6.05 18.19
C ALA A 966 10.68 6.71 17.85
N LEU A 967 11.31 6.28 16.76
CA LEU A 967 12.57 6.88 16.30
C LEU A 967 12.43 8.36 15.97
N GLU A 968 11.26 8.79 15.51
CA GLU A 968 11.02 10.21 15.30
C GLU A 968 11.10 11.02 16.58
N LEU A 969 10.88 10.38 17.73
CA LEU A 969 10.92 11.04 19.02
C LEU A 969 12.26 10.83 19.71
N VAL A 970 12.66 9.57 19.87
CA VAL A 970 13.89 9.22 20.57
C VAL A 970 15.09 9.65 19.73
N GLY A 971 16.22 9.86 20.40
CA GLY A 971 17.43 10.33 19.75
C GLY A 971 17.42 11.79 19.36
N THR A 972 16.26 12.45 19.38
CA THR A 972 16.24 13.90 19.25
C THR A 972 16.80 14.53 20.51
N TYR A 973 17.37 15.73 20.35
CA TYR A 973 18.15 16.33 21.43
C TYR A 973 17.34 16.51 22.71
N TRP A 974 16.09 16.95 22.59
CA TRP A 974 15.26 17.15 23.79
C TRP A 974 14.93 15.84 24.50
N TYR A 975 14.84 14.74 23.75
CA TYR A 975 14.71 13.43 24.38
C TYR A 975 16.02 12.93 24.99
N ASN A 976 17.14 13.17 24.31
CA ASN A 976 18.44 12.80 24.85
C ASN A 976 18.77 13.57 26.13
N ARG A 977 18.25 14.78 26.26
CA ARG A 977 18.39 15.59 27.46
C ARG A 977 17.72 14.99 28.70
N SER A 978 17.00 13.88 28.58
CA SER A 978 16.18 13.45 29.70
C SER A 978 16.28 11.95 29.94
N ASN A 979 15.80 11.56 31.12
CA ASN A 979 16.01 10.23 31.69
C ASN A 979 15.26 9.17 30.88
N THR A 980 16.01 8.35 30.16
CA THR A 980 15.50 7.29 29.31
C THR A 980 15.01 6.07 30.08
N THR A 981 14.86 6.15 31.41
CA THR A 981 14.75 4.94 32.23
C THR A 981 13.62 4.00 31.81
N PRO A 982 12.40 4.45 31.48
CA PRO A 982 11.41 3.49 30.97
C PRO A 982 11.88 2.80 29.70
N HIS A 983 12.54 3.56 28.82
CA HIS A 983 13.11 2.99 27.61
C HIS A 983 14.34 2.13 27.91
N ASP A 984 15.11 2.49 28.94
CA ASP A 984 16.22 1.63 29.34
C ASP A 984 15.72 0.29 29.90
N ASP A 985 14.66 0.31 30.69
CA ASP A 985 14.01 -0.93 31.13
C ASP A 985 13.48 -1.72 29.95
N TRP A 986 12.91 -1.04 28.95
CA TRP A 986 12.50 -1.71 27.73
C TRP A 986 13.69 -2.41 27.08
N LEU A 987 14.75 -1.66 26.80
CA LEU A 987 15.97 -2.22 26.23
C LEU A 987 16.44 -3.44 27.01
N LEU A 988 16.67 -3.27 28.32
CA LEU A 988 17.21 -4.36 29.11
C LEU A 988 16.20 -5.49 29.31
N SER A 989 14.97 -5.31 28.83
CA SER A 989 14.03 -6.40 28.69
C SER A 989 13.79 -6.81 27.23
N THR A 990 14.45 -6.16 26.27
CA THR A 990 14.46 -6.63 24.90
C THR A 990 15.24 -7.95 24.80
N PRO A 991 15.15 -8.64 23.66
CA PRO A 991 15.85 -9.92 23.50
C PRO A 991 17.37 -9.82 23.50
N TRP A 992 17.94 -8.61 23.45
CA TRP A 992 19.38 -8.46 23.33
C TRP A 992 20.05 -8.10 24.66
N SER A 993 19.33 -8.29 25.77
CA SER A 993 19.90 -8.03 27.07
C SER A 993 21.06 -9.00 27.34
N ARG A 994 22.07 -8.48 28.05
CA ARG A 994 23.24 -9.29 28.40
C ARG A 994 22.88 -10.48 29.30
N ASP A 995 21.84 -10.36 30.12
CA ASP A 995 21.30 -11.49 30.87
C ASP A 995 19.95 -11.90 30.31
N ILE A 996 19.84 -13.19 29.93
CA ILE A 996 18.57 -13.76 29.53
C ILE A 996 17.53 -13.63 30.65
N GLY A 997 17.97 -13.70 31.90
CA GLY A 997 17.05 -13.54 33.01
C GLY A 997 16.39 -12.18 33.06
N GLY A 998 17.04 -11.17 32.48
CA GLY A 998 16.40 -9.86 32.39
C GLY A 998 15.44 -9.77 31.23
N ARG A 999 15.63 -10.59 30.20
CA ARG A 999 14.79 -10.54 29.01
C ARG A 999 13.36 -10.96 29.38
N LEU A 1000 12.40 -10.17 28.93
CA LEU A 1000 10.97 -10.49 29.04
C LEU A 1000 10.44 -10.67 27.63
N ASN A 1001 10.38 -11.92 27.18
CA ASN A 1001 10.21 -12.23 25.76
C ASN A 1001 8.76 -12.00 25.31
N GLN A 1002 8.35 -10.74 25.42
CA GLN A 1002 7.11 -10.29 24.80
C GLN A 1002 7.19 -10.44 23.29
N SER A 1003 6.06 -10.81 22.68
CA SER A 1003 6.01 -10.83 21.22
C SER A 1003 6.12 -9.42 20.67
N LEU A 1004 6.55 -9.33 19.41
CA LEU A 1004 6.85 -8.02 18.82
C LEU A 1004 5.64 -7.09 18.84
N GLU A 1005 4.43 -7.62 18.68
CA GLU A 1005 3.25 -6.79 18.83
C GLU A 1005 3.20 -6.15 20.22
N ILE A 1006 3.58 -6.93 21.24
CA ILE A 1006 3.60 -6.44 22.61
C ILE A 1006 4.77 -5.49 22.87
N TYR A 1007 5.95 -5.80 22.34
CA TYR A 1007 7.05 -4.83 22.42
C TYR A 1007 6.71 -3.53 21.70
N GLN A 1008 6.05 -3.60 20.56
CA GLN A 1008 5.64 -2.39 19.86
C GLN A 1008 4.65 -1.59 20.70
N GLN A 1009 3.61 -2.25 21.20
CA GLN A 1009 2.66 -1.59 22.11
C GLN A 1009 3.36 -0.94 23.30
N ARG A 1010 4.28 -1.66 23.93
CA ARG A 1010 4.95 -1.15 25.13
C ARG A 1010 5.89 0.00 24.81
N LEU A 1011 6.73 -0.15 23.79
CA LEU A 1011 7.61 0.94 23.36
C LEU A 1011 6.81 2.17 22.96
N LEU A 1012 5.74 1.99 22.17
CA LEU A 1012 4.85 3.09 21.84
C LEU A 1012 4.33 3.77 23.09
N GLY A 1013 3.80 2.99 24.04
CA GLY A 1013 3.35 3.54 25.31
C GLY A 1013 4.43 4.21 26.13
N ILE A 1014 5.69 3.85 25.89
CA ILE A 1014 6.79 4.41 26.67
C ILE A 1014 7.38 5.67 26.03
N VAL A 1015 7.31 5.78 24.71
CA VAL A 1015 7.72 6.98 23.99
C VAL A 1015 6.54 7.91 23.75
N GLN A 1016 5.40 7.39 23.30
CA GLN A 1016 4.17 8.18 23.32
C GLN A 1016 3.55 8.28 24.70
N THR A 1017 4.36 8.11 25.75
CA THR A 1017 4.00 8.68 27.04
C THR A 1017 3.67 10.15 26.86
N PRO A 1018 2.70 10.68 27.60
CA PRO A 1018 2.74 12.11 27.90
C PRO A 1018 4.03 12.43 28.62
N ARG A 1019 4.79 13.38 28.05
CA ARG A 1019 6.17 13.62 28.43
C ARG A 1019 6.34 15.12 28.62
N GLY A 1020 6.47 15.56 29.86
CA GLY A 1020 6.40 16.97 30.16
C GLY A 1020 7.76 17.62 30.01
N GLU A 1021 7.75 18.88 29.59
CA GLU A 1021 8.91 19.74 29.61
C GLU A 1021 8.55 21.06 30.26
N VAL A 1022 9.54 21.66 30.93
CA VAL A 1022 9.40 22.99 31.51
C VAL A 1022 10.59 23.83 31.07
N LYS A 1023 10.31 25.04 30.61
CA LYS A 1023 11.31 25.93 30.05
C LYS A 1023 11.15 27.31 30.66
N HIS A 1024 12.26 28.03 30.75
CA HIS A 1024 12.27 29.39 31.27
C HIS A 1024 12.77 30.36 30.21
N ALA A 1025 12.31 31.60 30.30
CA ALA A 1025 12.81 32.69 29.47
C ALA A 1025 13.30 33.82 30.35
N SER A 1026 14.26 34.59 29.83
CA SER A 1026 14.90 35.66 30.58
C SER A 1026 13.89 36.71 31.04
N ALA A 1039 11.07 35.48 34.60
CA ALA A 1039 9.82 36.24 34.67
C ALA A 1039 8.65 35.41 34.18
N THR A 1040 8.90 34.53 33.21
CA THR A 1040 7.88 33.69 32.62
C THR A 1040 8.44 32.29 32.41
N ALA A 1041 7.60 31.29 32.67
CA ALA A 1041 7.94 29.89 32.41
C ALA A 1041 6.90 29.28 31.48
N GLU A 1042 7.35 28.36 30.64
CA GLU A 1042 6.46 27.55 29.82
C GLU A 1042 6.44 26.12 30.35
N ILE A 1043 5.24 25.63 30.64
CA ILE A 1043 5.02 24.25 31.06
C ILE A 1043 4.22 23.56 29.97
N SER A 1044 4.76 22.49 29.42
CA SER A 1044 4.16 21.83 28.26
C SER A 1044 4.14 20.32 28.48
N LEU A 1045 3.30 19.65 27.71
CA LEU A 1045 3.09 18.21 27.82
C LEU A 1045 3.00 17.64 26.42
N ALA A 1046 4.10 17.05 25.94
CA ALA A 1046 4.10 16.35 24.68
C ALA A 1046 3.20 15.12 24.72
N LEU A 1047 2.52 14.86 23.60
CA LEU A 1047 1.73 13.66 23.38
C LEU A 1047 2.14 13.03 22.06
N PRO A 1048 3.35 12.47 21.98
CA PRO A 1048 3.89 12.02 20.69
C PRO A 1048 2.93 11.16 19.89
N GLY A 1049 2.67 11.56 18.65
CA GLY A 1049 1.72 10.89 17.80
C GLY A 1049 0.28 11.33 17.94
N ILE A 1050 -0.04 12.08 18.99
CA ILE A 1050 -1.41 12.62 19.15
C ILE A 1050 -1.44 13.95 18.39
N SER A 1051 -1.53 13.84 17.07
CA SER A 1051 -1.82 15.01 16.25
C SER A 1051 -3.19 15.58 16.58
N LEU A 1052 -3.33 16.90 16.44
CA LEU A 1052 -4.65 17.50 16.53
C LEU A 1052 -5.64 16.88 15.55
N GLY A 1053 -5.16 16.42 14.39
CA GLY A 1053 -6.01 15.70 13.46
C GLY A 1053 -6.63 14.44 14.03
N ALA A 1054 -6.06 13.91 15.11
CA ALA A 1054 -6.67 12.80 15.84
C ALA A 1054 -7.56 13.26 16.98
N LEU A 1055 -7.30 14.44 17.56
CA LEU A 1055 -8.24 15.03 18.49
C LEU A 1055 -9.47 15.61 17.81
N GLN A 1056 -9.34 16.08 16.58
CA GLN A 1056 -10.44 16.80 15.95
C GLN A 1056 -11.59 15.86 15.63
N GLN A 1057 -12.81 16.33 15.92
CA GLN A 1057 -14.01 15.56 15.65
C GLN A 1057 -14.35 15.56 14.16
N THR A 1058 -14.48 14.36 13.60
CA THR A 1058 -15.05 14.24 12.25
C THR A 1058 -16.44 14.87 12.23
N LEU A 1059 -16.78 15.51 11.12
CA LEU A 1059 -17.88 16.46 11.06
C LEU A 1059 -19.12 15.97 11.80
N ALA A 1060 -19.56 14.74 11.50
CA ALA A 1060 -20.29 13.92 12.47
C ALA A 1060 -19.60 12.59 12.65
N GLY A 1061 -19.53 12.14 13.90
CA GLY A 1061 -18.57 11.15 14.30
C GLY A 1061 -18.12 11.39 15.73
N ARG A 1062 -17.07 10.67 16.12
CA ARG A 1062 -16.48 10.82 17.44
C ARG A 1062 -15.01 11.21 17.32
N PRO A 1063 -14.48 11.94 18.31
CA PRO A 1063 -13.02 12.13 18.37
C PRO A 1063 -12.27 10.80 18.40
N GLU A 1064 -11.17 10.73 17.65
CA GLU A 1064 -10.37 9.52 17.65
C GLU A 1064 -9.59 9.37 18.95
N VAL A 1065 -8.95 10.44 19.40
CA VAL A 1065 -8.27 10.46 20.70
C VAL A 1065 -9.15 11.23 21.67
N ARG A 1066 -9.74 10.53 22.64
CA ARG A 1066 -10.62 11.15 23.61
C ARG A 1066 -9.81 11.66 24.81
N LEU A 1067 -8.76 12.41 24.48
CA LEU A 1067 -7.81 12.93 25.45
C LEU A 1067 -8.52 13.59 26.63
N SER A 1068 -8.17 13.16 27.84
CA SER A 1068 -8.91 13.55 29.05
C SER A 1068 -7.92 13.82 30.19
N LEU A 1069 -7.44 15.06 30.25
CA LEU A 1069 -6.45 15.47 31.26
C LEU A 1069 -7.15 15.65 32.61
N ALA A 1070 -7.17 14.59 33.41
CA ALA A 1070 -7.37 14.77 34.84
C ALA A 1070 -6.18 15.49 35.45
N ALA A 1071 -6.46 16.51 36.25
CA ALA A 1071 -5.42 17.33 36.87
C ALA A 1071 -5.49 17.16 38.38
N TYR A 1072 -4.33 16.95 38.99
CA TYR A 1072 -4.21 16.84 40.43
C TYR A 1072 -3.11 17.74 40.93
N ARG A 1073 -3.36 18.41 42.05
CA ARG A 1073 -2.33 19.12 42.78
C ARG A 1073 -1.84 18.23 43.91
N ILE A 1074 -0.54 18.26 44.17
CA ILE A 1074 0.08 17.43 45.20
C ILE A 1074 0.73 18.34 46.21
N ARG A 1075 0.34 18.20 47.47
CA ARG A 1075 0.76 19.07 48.55
C ARG A 1075 1.60 18.25 49.52
N SER A 1076 2.74 18.80 49.95
CA SER A 1076 3.57 18.10 50.92
C SER A 1076 4.13 19.07 51.96
N VAL A 1077 4.25 18.57 53.18
CA VAL A 1077 4.80 19.32 54.30
C VAL A 1077 5.82 18.42 55.01
N LYS A 1078 6.91 19.03 55.46
CA LYS A 1078 8.05 18.28 55.97
C LYS A 1078 8.21 18.52 57.47
N TYR A 1079 8.73 17.52 58.17
CA TYR A 1079 8.79 17.52 59.62
C TYR A 1079 10.17 17.09 60.09
N GLU A 1080 10.52 17.54 61.29
CA GLU A 1080 11.79 17.13 61.91
C GLU A 1080 11.71 15.71 62.47
N ARG A 1081 10.52 15.26 62.85
CA ARG A 1081 10.28 13.90 63.29
C ARG A 1081 8.95 13.39 62.73
N GLY A 1082 8.89 12.09 62.50
CA GLY A 1082 7.81 11.49 61.76
C GLY A 1082 7.92 11.69 60.26
N SER A 1083 7.20 10.85 59.52
CA SER A 1083 7.25 10.91 58.07
C SER A 1083 6.50 12.13 57.54
N PRO A 1084 7.06 12.83 56.55
CA PRO A 1084 6.33 13.90 55.86
C PRO A 1084 4.96 13.49 55.36
N MET A 1085 4.07 14.46 55.17
CA MET A 1085 2.72 14.22 54.69
C MET A 1085 2.65 14.54 53.20
N VAL A 1086 1.80 13.81 52.49
CA VAL A 1086 1.46 14.13 51.10
C VAL A 1086 -0.04 13.94 50.89
N ARG A 1087 -0.65 14.90 50.19
CA ARG A 1087 -2.07 14.89 49.88
C ARG A 1087 -2.28 15.30 48.44
N TRP A 1088 -3.24 14.67 47.78
CA TRP A 1088 -3.69 15.07 46.45
C TRP A 1088 -4.97 15.88 46.54
N PHE A 1089 -5.09 16.87 45.65
CA PHE A 1089 -6.35 17.56 45.41
C PHE A 1089 -6.67 17.56 43.92
N PRO A 1090 -7.94 17.53 43.56
CA PRO A 1090 -8.31 17.69 42.15
C PRO A 1090 -8.31 19.14 41.71
N VAL A 1091 -7.98 19.34 40.42
CA VAL A 1091 -7.93 20.68 39.82
C VAL A 1091 -8.40 20.51 38.37
N THR A 1092 -8.86 19.30 38.05
CA THR A 1092 -9.08 18.90 36.65
C THR A 1092 -9.88 19.95 35.86
N GLU A 1093 -10.94 20.50 36.46
CA GLU A 1093 -11.77 21.45 35.73
C GLU A 1093 -11.00 22.65 35.21
N VAL A 1094 -9.98 23.10 35.94
CA VAL A 1094 -9.23 24.28 35.52
C VAL A 1094 -8.42 23.99 34.26
N VAL A 1095 -7.80 22.81 34.18
CA VAL A 1095 -6.88 22.52 33.09
C VAL A 1095 -7.64 22.33 31.77
N GLY A 1096 -8.83 21.73 31.83
CA GLY A 1096 -9.70 21.73 30.67
C GLY A 1096 -10.16 23.12 30.26
N ASP A 1097 -10.43 23.97 31.26
CA ASP A 1097 -10.84 25.35 31.01
C ASP A 1097 -9.73 26.24 30.48
N SER A 1098 -8.47 25.78 30.45
CA SER A 1098 -7.38 26.73 30.19
C SER A 1098 -6.17 26.16 29.47
N LEU A 1099 -6.11 24.87 29.17
CA LEU A 1099 -4.99 24.37 28.38
C LEU A 1099 -5.09 24.84 26.93
N GLN A 1100 -3.96 24.77 26.24
CA GLN A 1100 -3.77 25.36 24.92
C GLN A 1100 -2.91 24.43 24.08
N VAL A 1101 -2.94 24.65 22.77
CA VAL A 1101 -2.09 23.92 21.84
C VAL A 1101 -0.97 24.84 21.36
N ALA A 1102 0.23 24.28 21.29
CA ALA A 1102 1.41 25.02 20.81
C ALA A 1102 2.14 24.27 19.70
N SER A 1103 1.59 23.15 19.24
CA SER A 1103 1.98 22.56 17.95
C SER A 1103 0.91 21.54 17.58
N ALA A 1104 0.48 21.57 16.31
CA ALA A 1104 -0.57 20.67 15.89
C ALA A 1104 -0.10 19.22 15.83
N GLU A 1105 1.16 18.99 15.45
CA GLU A 1105 1.68 17.63 15.38
C GLU A 1105 3.19 17.69 15.58
N PRO A 1106 3.80 16.58 16.04
CA PRO A 1106 3.20 15.45 16.78
C PRO A 1106 3.37 15.56 18.28
N LEU A 1107 3.86 16.67 18.85
CA LEU A 1107 4.51 16.53 20.15
C LEU A 1107 4.38 17.74 21.08
N VAL A 1108 3.29 18.51 21.03
CA VAL A 1108 3.10 19.49 22.10
C VAL A 1108 1.63 19.59 22.49
N LEU A 1109 1.43 19.96 23.75
CA LEU A 1109 0.23 20.54 24.33
C LEU A 1109 0.70 21.49 25.42
N LEU A 1110 -0.12 22.48 25.77
CA LEU A 1110 0.36 23.51 26.66
C LEU A 1110 -0.65 23.77 27.78
N VAL A 1111 -0.12 24.02 28.98
CA VAL A 1111 -0.90 24.15 30.21
C VAL A 1111 -0.42 25.38 30.96
N PRO A 1112 -1.31 26.18 31.55
CA PRO A 1112 -0.88 27.41 32.22
C PRO A 1112 -0.14 27.13 33.52
N ARG A 1113 0.68 28.11 33.89
CA ARG A 1113 1.33 28.20 35.20
C ARG A 1113 0.29 28.53 36.28
N LEU A 1114 -0.43 27.49 36.70
CA LEU A 1114 -1.43 27.66 37.74
C LEU A 1114 -0.78 28.10 39.06
N ALA A 1115 -1.56 28.83 39.85
CA ALA A 1115 -1.06 29.41 41.10
C ALA A 1115 -0.88 28.35 42.19
N PRO A 1116 0.09 28.56 43.09
CA PRO A 1116 0.30 27.62 44.20
C PRO A 1116 -0.82 27.69 45.23
N LEU A 1117 -0.87 26.67 46.07
CA LEU A 1117 -1.76 26.67 47.22
C LEU A 1117 -1.16 27.46 48.38
N GLU A 1118 -2.00 27.70 49.39
CA GLU A 1118 -1.59 28.42 50.59
C GLU A 1118 -0.61 27.62 51.44
N GLY A 1119 0.16 28.36 52.23
CA GLY A 1119 1.13 27.80 53.16
C GLY A 1119 0.48 27.19 54.39
N VAL A 1120 1.33 26.91 55.39
CA VAL A 1120 0.89 26.43 56.69
C VAL A 1120 1.64 27.17 57.78
N THR A 1121 0.99 27.34 58.93
CA THR A 1121 1.57 28.03 60.07
C THR A 1121 2.73 27.24 60.65
N GLY A 1122 3.84 27.93 60.91
CA GLY A 1122 4.96 27.33 61.61
C GLY A 1122 5.77 26.32 60.82
N GLY A 1123 5.71 26.38 59.50
CA GLY A 1123 6.38 25.41 58.66
C GLY A 1123 6.51 25.94 57.26
N SER A 1124 6.58 25.04 56.29
CA SER A 1124 6.65 25.43 54.89
C SER A 1124 5.97 24.36 54.04
N VAL A 1125 5.44 24.79 52.90
CA VAL A 1125 4.74 23.92 51.97
C VAL A 1125 5.52 23.83 50.68
N THR A 1126 5.60 22.63 50.12
CA THR A 1126 6.09 22.41 48.77
C THR A 1126 5.00 21.74 47.96
N GLU A 1127 4.97 22.02 46.66
CA GLU A 1127 3.95 21.47 45.79
C GLU A 1127 4.55 20.84 44.56
N ASP A 1128 3.96 19.73 44.13
CA ASP A 1128 4.15 19.19 42.80
C ASP A 1128 2.83 19.27 42.05
N LEU A 1129 2.91 19.34 40.72
CA LEU A 1129 1.74 19.13 39.88
C LEU A 1129 1.73 17.71 39.33
N LEU A 1130 0.53 17.18 39.12
CA LEU A 1130 0.35 15.91 38.45
C LEU A 1130 -0.76 16.04 37.43
N LEU A 1131 -0.48 15.66 36.20
CA LEU A 1131 -1.44 15.70 35.10
C LEU A 1131 -1.73 14.25 34.73
N ALA A 1132 -2.81 13.72 35.29
CA ALA A 1132 -3.26 12.35 34.99
C ALA A 1132 -3.89 12.34 33.61
N VAL A 1133 -3.03 12.38 32.59
CA VAL A 1133 -3.47 12.36 31.21
C VAL A 1133 -4.03 10.98 30.87
N GLN A 1134 -5.35 10.84 30.93
CA GLN A 1134 -6.01 9.75 30.24
C GLN A 1134 -5.97 10.00 28.74
N ILE A 1135 -4.89 9.56 28.09
CA ILE A 1135 -4.98 9.24 26.67
C ILE A 1135 -5.99 8.12 26.49
N GLU A 1136 -6.80 8.24 25.45
CA GLU A 1136 -7.70 7.15 25.05
C GLU A 1136 -7.84 7.19 23.53
N ARG A 1137 -7.77 6.02 22.91
CA ARG A 1137 -7.87 5.90 21.46
C ARG A 1137 -8.93 4.87 21.12
N LEU A 1138 -9.79 5.22 20.16
CA LEU A 1138 -10.80 4.30 19.66
C LEU A 1138 -10.11 3.16 18.92
N ASN A 1139 -9.91 2.05 19.60
CA ASN A 1139 -9.14 0.91 19.11
C ASN A 1139 -9.90 0.19 18.01
N PRO A 1140 -9.34 -0.85 17.37
CA PRO A 1140 -10.10 -1.55 16.32
C PRO A 1140 -11.45 -2.07 16.77
N GLN A 1141 -11.66 -2.30 18.06
CA GLN A 1141 -12.96 -2.70 18.56
C GLN A 1141 -13.92 -1.53 18.67
N GLY A 1142 -13.43 -0.29 18.58
CA GLY A 1142 -14.25 0.86 18.91
C GLY A 1142 -14.36 1.16 20.39
N GLN A 1143 -13.60 0.46 21.24
CA GLN A 1143 -13.79 0.56 22.67
C GLN A 1143 -12.93 1.66 23.28
N TYR A 1144 -13.39 2.16 24.44
CA TYR A 1144 -12.80 3.26 25.18
C TYR A 1144 -11.46 2.91 25.81
N HIS A 1145 -10.47 2.51 25.01
CA HIS A 1145 -9.26 1.88 25.54
C HIS A 1145 -8.36 2.90 26.22
N ALA A 1146 -8.77 3.33 27.42
CA ALA A 1146 -8.06 4.36 28.16
C ALA A 1146 -6.68 3.87 28.63
N ASP A 1147 -5.73 4.80 28.68
CA ASP A 1147 -4.39 4.55 29.22
C ASP A 1147 -4.10 5.65 30.24
N ARG A 1148 -4.34 5.35 31.52
CA ARG A 1148 -4.22 6.32 32.61
C ARG A 1148 -2.75 6.54 33.00
N HIS A 1149 -2.04 7.24 32.12
CA HIS A 1149 -0.73 7.77 32.47
C HIS A 1149 -0.85 8.83 33.56
N MET A 1150 0.27 9.10 34.24
CA MET A 1150 0.27 9.87 35.48
C MET A 1150 1.49 10.79 35.57
N VAL A 1151 1.59 11.74 34.63
CA VAL A 1151 2.73 12.64 34.58
C VAL A 1151 2.77 13.52 35.82
N ARG A 1152 3.93 13.57 36.47
CA ARG A 1152 4.16 14.41 37.65
C ARG A 1152 5.31 15.36 37.37
N LEU A 1153 5.12 16.65 37.69
CA LEU A 1153 5.93 17.71 37.13
C LEU A 1153 6.25 18.74 38.21
N SER A 1154 7.39 19.45 38.03
CA SER A 1154 7.64 20.54 38.95
C SER A 1154 7.25 21.88 38.32
N PRO A 1155 6.75 22.82 39.13
CA PRO A 1155 6.25 24.09 38.57
C PRO A 1155 7.34 25.08 38.20
N HIS A 1156 8.53 25.00 38.81
CA HIS A 1156 9.46 26.11 38.81
C HIS A 1156 10.90 25.71 38.53
N SER A 1157 11.14 24.57 37.91
CA SER A 1157 12.48 24.17 37.53
C SER A 1157 12.47 23.56 36.13
N GLU A 1158 13.38 24.03 35.28
CA GLU A 1158 13.48 23.50 33.92
C GLU A 1158 13.83 22.02 33.96
N GLY A 1159 12.93 21.21 33.45
CA GLY A 1159 13.02 19.76 33.61
C GLY A 1159 12.21 19.07 32.54
N ASP A 1160 12.59 17.83 32.27
CA ASP A 1160 11.76 16.91 31.51
C ASP A 1160 11.31 15.78 32.42
N TYR A 1161 10.02 15.47 32.36
CA TYR A 1161 9.35 14.62 33.35
C TYR A 1161 8.64 13.48 32.64
N PRO A 1162 9.26 12.31 32.54
CA PRO A 1162 8.59 11.15 31.95
C PRO A 1162 7.56 10.58 32.91
N ALA A 1163 6.88 9.52 32.48
CA ALA A 1163 5.79 8.97 33.24
C ALA A 1163 5.73 7.46 33.06
N SER A 1164 5.11 6.80 34.05
CA SER A 1164 4.80 5.39 34.04
C SER A 1164 3.61 5.18 34.95
N PRO A 1165 2.75 4.20 34.64
CA PRO A 1165 1.54 3.98 35.44
C PRO A 1165 1.84 3.86 36.93
N GLN A 1166 0.88 4.29 37.74
CA GLN A 1166 1.03 4.37 39.18
C GLN A 1166 -0.27 3.93 39.84
N ARG A 1167 -0.16 3.49 41.09
CA ARG A 1167 -1.32 3.42 41.96
C ARG A 1167 -1.83 4.82 42.27
N ILE A 1168 -3.11 5.06 42.01
CA ILE A 1168 -3.72 6.35 42.30
C ILE A 1168 -4.08 6.44 43.78
N GLN A 1169 -4.23 7.68 44.25
CA GLN A 1169 -4.61 7.97 45.64
C GLN A 1169 -6.11 7.73 45.87
N GLY A 1170 -6.52 6.48 45.69
CA GLY A 1170 -7.92 6.14 45.96
C GLY A 1170 -8.91 6.62 44.92
N GLN A 1171 -9.86 7.44 45.36
CA GLN A 1171 -10.94 7.91 44.50
C GLN A 1171 -10.41 8.85 43.43
N GLU A 1172 -10.85 8.63 42.19
CA GLU A 1172 -10.44 9.49 41.08
C GLU A 1172 -11.14 10.84 41.16
N ALA A 1173 -10.48 11.85 40.58
CA ALA A 1173 -11.12 13.10 40.20
C ALA A 1173 -12.14 12.88 39.08
N SER A 1174 -12.76 13.98 38.66
CA SER A 1174 -13.36 14.06 37.34
C SER A 1174 -12.30 13.90 36.26
N TRP A 1175 -12.77 13.54 35.06
CA TRP A 1175 -11.92 13.38 33.87
C TRP A 1175 -12.53 14.18 32.73
N MET A 1176 -12.27 15.49 32.73
CA MET A 1176 -12.74 16.37 31.67
C MET A 1176 -12.23 15.89 30.32
N LEU A 1177 -13.07 16.03 29.30
CA LEU A 1177 -12.75 15.58 27.95
C LEU A 1177 -12.35 16.78 27.10
N ILE A 1178 -11.23 16.66 26.40
CA ILE A 1178 -10.75 17.68 25.47
C ILE A 1178 -11.40 17.49 24.11
N ASP A 1179 -12.10 18.53 23.65
CA ASP A 1179 -12.53 18.63 22.26
C ASP A 1179 -11.80 19.82 21.64
N PRO A 1180 -10.90 19.61 20.68
CA PRO A 1180 -9.91 20.64 20.34
C PRO A 1180 -10.50 21.86 19.65
N ARG A 1181 -11.74 21.78 19.15
CA ARG A 1181 -12.42 22.96 18.64
C ARG A 1181 -12.59 24.03 19.71
N LEU A 1182 -12.59 23.63 20.98
CA LEU A 1182 -12.63 24.56 22.09
C LEU A 1182 -11.25 25.12 22.44
N LEU A 1183 -10.18 24.61 21.82
CA LEU A 1183 -8.82 24.91 22.21
C LEU A 1183 -8.22 25.95 21.29
N PRO A 1184 -7.68 27.04 21.82
CA PRO A 1184 -6.89 27.97 21.01
C PRO A 1184 -5.78 27.25 20.26
N ASP A 1185 -5.53 27.70 19.03
CA ASP A 1185 -4.46 27.14 18.22
C ASP A 1185 -3.95 28.17 17.21
#